data_2IX1
#
_entry.id   2IX1
#
_cell.length_a   86.316
_cell.length_b   86.316
_cell.length_c   279.245
_cell.angle_alpha   90.00
_cell.angle_beta   90.00
_cell.angle_gamma   120.00
#
_symmetry.space_group_name_H-M   'P 65'
#
loop_
_entity.id
_entity.type
_entity.pdbx_description
1 polymer 'EXORIBONUCLEASE 2'
2 polymer "5'-D(*AP*AP*AP*AP*AP*AP*AP*AP*AP*AP *AP*AP*A)-3'"
3 non-polymer 'MAGNESIUM ION'
4 water water
#
loop_
_entity_poly.entity_id
_entity_poly.type
_entity_poly.pdbx_seq_one_letter_code
_entity_poly.pdbx_strand_id
1 'polypeptide(L)'
;MGSSHHHHHHSSGLVPRGSHMLEADPLLAQLKQQLHSQTPRAEGVVKATEKGFGFLEVDAQKSYFIPPPQMKKVMHGDRI
IAVIHSEKERESAEPEELVEPFLTRFVGKVQGKNDRLAIVPDHPLLKDAIPCRAARGLNHEFKEGDWAVAEMRRHPLKGD
RSFYAELTQYITFGDDHFVPWWVTLARHNLEKEAPDGVATEMLDEGLVREDLTALDFVTIDSASTEDMNDALFAKALPDD
KLQLIVAIADPTAWIAEGSKLDKAAKIRAFTNYLPGFNIPMLPRELSDDLCSLRANEVRPVLACRMTLSADGTIEDNIEF
FAATIESKAKLVYDQVSDWLENTGDWQPESEAIAEQVRLLAQICQRRGEWRHNHALVFKDRPDYRFILGEKGEVLDIVAE
PRRIANRIVEEAMIAANICAARVLRDKLGFGIYNVHMGFDPANADALAALLKTHGLHVDAEEVLTLDGFCKLRRELDAQP
TGFLDSRIRRFQSFAEISTEPGPHFGLGLEAYATWTSPIRKYGDMINHRLLKAVIKGETATRPQDEITVQMAERRRLNRM
AERDVGDWLYARFLKDKAGTDTRFAAEIVDISRGGMRVRLVDNGAIAFIPAPFLHAVRDELVCSQENGTVQIKGETVYKV
TDVIDVTIAEVRMETRSIIARPVA
;
A
2 'polyribonucleotide' AAAAAAAAAAAAA B
#
loop_
_chem_comp.id
_chem_comp.type
_chem_comp.name
_chem_comp.formula
A RNA linking ADENOSINE-5'-MONOPHOSPHATE 'C10 H14 N5 O7 P'
MG non-polymer 'MAGNESIUM ION' 'Mg 2'
#
# COMPACT_ATOMS: atom_id res chain seq x y z
N MET A 21 34.04 26.91 -29.30
CA MET A 21 34.13 28.00 -28.17
C MET A 21 34.56 29.35 -28.79
N LEU A 22 34.54 30.41 -27.98
CA LEU A 22 35.10 31.70 -28.37
C LEU A 22 36.61 31.60 -28.17
N GLU A 23 37.35 31.60 -29.29
CA GLU A 23 38.77 31.25 -29.28
C GLU A 23 39.72 32.33 -29.80
N ALA A 24 39.98 33.32 -28.96
CA ALA A 24 41.13 34.21 -29.05
C ALA A 24 41.55 34.35 -27.59
N ASP A 25 42.75 33.89 -27.27
CA ASP A 25 43.00 33.37 -25.92
C ASP A 25 44.04 34.00 -24.95
N PRO A 26 45.05 34.74 -25.45
CA PRO A 26 46.31 34.85 -24.70
C PRO A 26 46.24 34.20 -23.30
N LEU A 27 45.94 35.01 -22.28
CA LEU A 27 45.56 34.51 -20.96
C LEU A 27 44.22 35.15 -20.60
N LEU A 28 43.50 35.56 -21.63
CA LEU A 28 42.08 35.91 -21.55
C LEU A 28 41.30 34.62 -21.36
N ALA A 29 41.73 33.57 -22.05
CA ALA A 29 41.11 32.25 -21.95
C ALA A 29 41.03 31.81 -20.50
N GLN A 30 42.18 31.80 -19.83
CA GLN A 30 42.29 31.47 -18.41
C GLN A 30 41.40 32.38 -17.56
N LEU A 31 41.35 33.68 -17.90
CA LEU A 31 40.43 34.57 -17.20
C LEU A 31 38.96 34.13 -17.34
N LYS A 32 38.50 33.87 -18.55
CA LYS A 32 37.11 33.47 -18.73
C LYS A 32 36.77 32.11 -18.10
N GLN A 33 37.70 31.17 -18.12
CA GLN A 33 37.53 29.89 -17.41
C GLN A 33 37.32 30.16 -15.93
N GLN A 34 38.16 31.03 -15.35
CA GLN A 34 38.05 31.32 -13.93
C GLN A 34 36.74 32.00 -13.59
N LEU A 35 36.39 33.00 -14.39
CA LEU A 35 35.17 33.76 -14.16
C LEU A 35 33.94 32.90 -14.21
N HIS A 36 33.87 32.02 -15.20
CA HIS A 36 32.71 31.16 -15.38
C HIS A 36 32.65 30.08 -14.29
N SER A 37 33.82 29.63 -13.83
CA SER A 37 33.88 28.63 -12.76
C SER A 37 33.55 29.20 -11.35
N GLN A 38 33.34 30.50 -11.23
CA GLN A 38 33.13 31.13 -9.93
C GLN A 38 31.72 31.65 -9.79
N THR A 39 30.95 31.59 -10.87
CA THR A 39 29.55 31.98 -10.85
C THR A 39 28.84 31.06 -9.87
N PRO A 40 27.72 31.52 -9.27
CA PRO A 40 27.12 30.62 -8.28
C PRO A 40 26.41 29.46 -8.96
N ARG A 41 26.28 28.35 -8.25
CA ARG A 41 25.51 27.23 -8.71
C ARG A 41 24.48 26.78 -7.68
N ALA A 42 23.30 26.38 -8.14
CA ALA A 42 22.28 25.82 -7.28
C ALA A 42 21.93 24.43 -7.78
N GLU A 43 21.71 23.51 -6.85
CA GLU A 43 21.17 22.19 -7.19
C GLU A 43 19.66 22.26 -6.96
N GLY A 44 18.88 21.58 -7.79
CA GLY A 44 17.44 21.58 -7.56
C GLY A 44 16.70 20.68 -8.53
N VAL A 45 15.38 20.72 -8.45
CA VAL A 45 14.55 19.87 -9.29
C VAL A 45 13.86 20.70 -10.36
N VAL A 46 13.89 20.25 -11.61
CA VAL A 46 13.23 21.00 -12.67
C VAL A 46 11.73 20.83 -12.56
N LYS A 47 11.03 21.94 -12.76
CA LYS A 47 9.58 22.00 -12.71
C LYS A 47 9.16 22.68 -14.02
N ALA A 48 8.56 21.91 -14.93
CA ALA A 48 8.06 22.43 -16.21
C ALA A 48 6.69 23.07 -16.00
N THR A 49 6.19 23.74 -17.03
CA THR A 49 4.86 24.38 -16.99
C THR A 49 4.14 24.23 -18.32
N GLU A 50 2.94 24.80 -18.40
CA GLU A 50 2.15 24.85 -19.65
C GLU A 50 2.86 25.63 -20.75
N LYS A 51 3.59 26.66 -20.34
CA LYS A 51 4.31 27.54 -21.26
C LYS A 51 5.71 26.98 -21.52
N GLY A 52 6.54 27.73 -22.26
CA GLY A 52 7.85 27.26 -22.68
C GLY A 52 8.96 27.30 -21.63
N PHE A 53 8.73 28.11 -20.60
CA PHE A 53 9.68 28.27 -19.49
C PHE A 53 9.37 27.34 -18.32
N GLY A 54 10.34 27.20 -17.40
CA GLY A 54 10.17 26.41 -16.19
C GLY A 54 10.87 27.02 -15.00
N PHE A 55 11.05 26.24 -13.94
CA PHE A 55 11.70 26.70 -12.72
C PHE A 55 12.61 25.64 -12.15
N LEU A 56 13.68 26.08 -11.51
CA LEU A 56 14.53 25.18 -10.79
C LEU A 56 14.19 25.34 -9.32
N GLU A 57 13.45 24.39 -8.77
CA GLU A 57 13.10 24.45 -7.34
C GLU A 57 14.22 23.91 -6.46
N VAL A 58 14.78 24.79 -5.64
CA VAL A 58 15.93 24.49 -4.79
C VAL A 58 15.50 24.02 -3.39
N ASP A 59 14.63 24.79 -2.75
CA ASP A 59 13.91 24.35 -1.55
C ASP A 59 12.49 24.91 -1.63
N ALA A 60 11.65 24.59 -0.64
CA ALA A 60 10.24 25.00 -0.68
C ALA A 60 10.04 26.53 -0.61
N GLN A 61 11.13 27.26 -0.38
CA GLN A 61 11.09 28.72 -0.23
C GLN A 61 12.06 29.48 -1.16
N LYS A 62 12.48 28.83 -2.24
CA LYS A 62 13.48 29.39 -3.15
C LYS A 62 13.48 28.66 -4.49
N SER A 63 13.34 29.39 -5.59
CA SER A 63 13.39 28.78 -6.93
C SER A 63 13.74 29.78 -8.03
N TYR A 64 14.38 29.29 -9.09
CA TYR A 64 14.89 30.17 -10.14
C TYR A 64 14.23 29.92 -11.47
N PHE A 65 13.90 30.99 -12.18
CA PHE A 65 13.29 30.93 -13.50
C PHE A 65 14.21 30.24 -14.50
N ILE A 66 13.65 29.35 -15.32
CA ILE A 66 14.41 28.73 -16.41
C ILE A 66 13.85 29.17 -17.76
N PRO A 67 14.59 30.01 -18.52
CA PRO A 67 14.24 30.46 -19.88
C PRO A 67 13.88 29.34 -20.86
N PRO A 68 12.90 29.58 -21.75
CA PRO A 68 12.48 28.56 -22.71
C PRO A 68 13.63 27.84 -23.41
N PRO A 69 14.64 28.58 -23.94
CA PRO A 69 15.75 27.84 -24.55
C PRO A 69 16.42 26.84 -23.60
N GLN A 70 16.50 27.19 -22.33
CA GLN A 70 17.18 26.35 -21.35
C GLN A 70 16.37 25.12 -20.98
N MET A 71 15.04 25.24 -21.04
CA MET A 71 14.14 24.14 -20.72
C MET A 71 14.23 23.01 -21.72
N LYS A 72 14.79 23.30 -22.90
CA LYS A 72 14.98 22.29 -23.94
C LYS A 72 16.04 21.26 -23.57
N LYS A 73 16.88 21.61 -22.60
CA LYS A 73 17.95 20.76 -22.09
C LYS A 73 17.47 19.79 -20.98
N VAL A 74 16.31 20.04 -20.39
CA VAL A 74 15.89 19.21 -19.27
C VAL A 74 14.47 18.65 -19.40
N MET A 75 14.14 17.80 -18.44
CA MET A 75 12.82 17.21 -18.35
C MET A 75 12.28 17.46 -16.96
N HIS A 76 10.97 17.67 -16.87
CA HIS A 76 10.34 17.85 -15.59
C HIS A 76 10.81 16.76 -14.64
N GLY A 77 11.21 17.14 -13.45
CA GLY A 77 11.60 16.19 -12.42
C GLY A 77 13.06 15.85 -12.40
N ASP A 78 13.79 16.19 -13.46
CA ASP A 78 15.25 16.05 -13.46
C ASP A 78 15.84 16.81 -12.27
N ARG A 79 16.86 16.23 -11.65
CA ARG A 79 17.57 16.94 -10.61
C ARG A 79 18.88 17.36 -11.21
N ILE A 80 19.11 18.68 -11.24
CA ILE A 80 20.24 19.26 -11.95
C ILE A 80 21.02 20.27 -11.11
N ILE A 81 22.21 20.59 -11.59
CA ILE A 81 22.96 21.75 -11.11
C ILE A 81 22.93 22.78 -12.24
N ALA A 82 22.54 24.00 -11.89
CA ALA A 82 22.47 25.10 -12.84
C ALA A 82 23.42 26.21 -12.40
N VAL A 83 23.93 26.99 -13.36
CA VAL A 83 24.66 28.20 -13.01
C VAL A 83 23.67 29.37 -13.02
N ILE A 84 23.82 30.26 -12.05
CA ILE A 84 22.85 31.35 -11.84
C ILE A 84 23.39 32.68 -12.34
N HIS A 85 22.61 33.33 -13.17
CA HIS A 85 22.96 34.62 -13.73
C HIS A 85 21.99 35.66 -13.21
N SER A 86 22.51 36.80 -12.76
CA SER A 86 21.65 37.93 -12.44
C SER A 86 21.19 38.54 -13.75
N GLU A 87 19.89 38.73 -13.91
CA GLU A 87 19.34 39.34 -15.12
C GLU A 87 18.66 40.66 -14.77
N LYS A 88 18.31 41.46 -15.77
CA LYS A 88 17.66 42.75 -15.52
C LYS A 88 16.45 42.63 -14.58
N GLU A 89 15.60 41.64 -14.84
CA GLU A 89 14.35 41.46 -14.11
C GLU A 89 14.48 40.58 -12.86
N ARG A 90 15.21 39.48 -12.97
CA ARG A 90 15.24 38.45 -11.94
C ARG A 90 16.51 37.61 -12.08
N GLU A 91 16.74 36.71 -11.12
CA GLU A 91 17.79 35.72 -11.29
C GLU A 91 17.31 34.59 -12.18
N SER A 92 18.24 34.06 -12.96
CA SER A 92 17.92 33.10 -14.00
C SER A 92 18.81 31.86 -13.85
N ALA A 93 18.28 30.71 -14.24
CA ALA A 93 18.97 29.42 -14.10
C ALA A 93 19.27 28.79 -15.43
N GLU A 94 20.52 28.43 -15.63
CA GLU A 94 20.98 27.81 -16.84
C GLU A 94 21.55 26.45 -16.45
N PRO A 95 20.80 25.37 -16.75
CA PRO A 95 21.16 23.98 -16.43
C PRO A 95 22.51 23.61 -16.96
N GLU A 96 23.37 23.09 -16.08
CA GLU A 96 24.76 22.81 -16.42
C GLU A 96 25.06 21.31 -16.34
N GLU A 97 24.52 20.65 -15.33
CA GLU A 97 24.91 19.27 -15.02
C GLU A 97 23.74 18.47 -14.50
N LEU A 98 23.56 17.27 -15.04
CA LEU A 98 22.51 16.36 -14.59
C LEU A 98 22.97 15.51 -13.41
N VAL A 99 22.40 15.77 -12.26
CA VAL A 99 22.68 15.01 -11.05
C VAL A 99 21.92 13.68 -11.12
N GLU A 100 20.65 13.75 -11.52
CA GLU A 100 19.79 12.56 -11.59
C GLU A 100 18.64 12.71 -12.56
N PRO A 101 18.53 11.80 -13.52
CA PRO A 101 17.43 11.95 -14.46
C PRO A 101 16.17 11.52 -13.76
N PHE A 102 15.07 12.21 -14.03
CA PHE A 102 13.77 11.85 -13.48
C PHE A 102 13.31 10.49 -14.01
N LEU A 103 13.72 10.18 -15.24
CA LEU A 103 13.23 9.05 -16.02
C LEU A 103 14.35 8.13 -16.48
N THR A 104 14.29 6.86 -16.10
CA THR A 104 15.22 5.87 -16.61
C THR A 104 14.37 4.79 -17.31
N ARG A 105 14.04 3.72 -16.57
CA ARG A 105 13.05 2.73 -16.99
C ARG A 105 11.65 3.36 -16.87
N PHE A 106 10.83 3.21 -17.91
CA PHE A 106 9.47 3.74 -17.82
C PHE A 106 8.57 2.99 -18.77
N VAL A 107 7.28 3.29 -18.71
CA VAL A 107 6.30 2.67 -19.60
C VAL A 107 5.56 3.78 -20.31
N GLY A 108 4.96 3.47 -21.45
CA GLY A 108 4.22 4.47 -22.22
C GLY A 108 3.63 3.90 -23.48
N LYS A 109 2.75 4.68 -24.11
CA LYS A 109 2.11 4.28 -25.35
C LYS A 109 2.98 4.74 -26.51
N VAL A 110 3.21 3.89 -27.51
CA VAL A 110 4.05 4.33 -28.62
C VAL A 110 3.24 4.95 -29.76
N GLN A 111 3.87 5.93 -30.40
CA GLN A 111 3.30 6.69 -31.50
C GLN A 111 4.23 6.52 -32.68
N GLY A 112 3.74 6.88 -33.86
CA GLY A 112 4.58 6.99 -35.04
C GLY A 112 4.54 5.77 -35.93
N LYS A 113 4.93 5.98 -37.19
CA LYS A 113 5.00 4.90 -38.15
C LYS A 113 6.39 4.28 -38.27
N ASN A 114 6.41 2.95 -38.30
CA ASN A 114 7.46 2.16 -38.95
C ASN A 114 8.82 2.86 -39.14
N ASP A 115 9.73 2.60 -38.20
CA ASP A 115 11.14 3.07 -38.25
C ASP A 115 11.32 4.59 -38.08
N ARG A 116 10.33 5.22 -37.47
CA ARG A 116 10.38 6.63 -37.07
C ARG A 116 9.29 6.78 -35.99
N LEU A 117 9.61 6.34 -34.77
CA LEU A 117 8.58 6.18 -33.74
C LEU A 117 8.95 6.77 -32.37
N ALA A 118 7.92 7.17 -31.64
CA ALA A 118 8.13 7.87 -30.38
C ALA A 118 7.28 7.25 -29.29
N ILE A 119 7.67 7.46 -28.03
CA ILE A 119 6.90 7.03 -26.89
C ILE A 119 6.63 8.23 -25.97
N VAL A 120 5.38 8.44 -25.59
CA VAL A 120 5.06 9.41 -24.55
C VAL A 120 4.88 8.67 -23.23
N PRO A 121 5.71 9.02 -22.22
CA PRO A 121 5.71 8.28 -20.96
C PRO A 121 4.38 8.43 -20.24
N ASP A 122 3.97 7.39 -19.53
CA ASP A 122 2.71 7.40 -18.82
C ASP A 122 2.62 8.45 -17.73
N HIS A 123 3.75 8.94 -17.24
CA HIS A 123 3.69 9.93 -16.16
C HIS A 123 2.82 11.12 -16.57
N PRO A 124 1.84 11.50 -15.72
CA PRO A 124 0.84 12.48 -16.13
C PRO A 124 1.47 13.79 -16.57
N LEU A 125 2.59 14.16 -15.95
CA LEU A 125 3.19 15.45 -16.17
C LEU A 125 4.14 15.53 -17.37
N LEU A 126 4.44 14.39 -17.99
CA LEU A 126 5.33 14.33 -19.15
C LEU A 126 4.50 14.10 -20.41
N LYS A 127 4.28 15.17 -21.16
CA LYS A 127 3.39 15.12 -22.32
C LYS A 127 4.12 14.90 -23.64
N ASP A 128 5.46 14.96 -23.58
CA ASP A 128 6.28 14.96 -24.77
C ASP A 128 6.58 13.58 -25.31
N ALA A 129 6.32 13.40 -26.60
CA ALA A 129 6.69 12.16 -27.29
C ALA A 129 8.20 12.08 -27.48
N ILE A 130 8.80 11.05 -26.91
CA ILE A 130 10.23 10.85 -27.00
C ILE A 130 10.54 9.86 -28.13
N PRO A 131 11.36 10.28 -29.11
CA PRO A 131 11.81 9.34 -30.15
C PRO A 131 12.45 8.08 -29.57
N CYS A 132 12.26 6.95 -30.26
CA CYS A 132 12.76 5.67 -29.77
C CYS A 132 12.80 4.64 -30.88
N ARG A 133 13.62 3.60 -30.70
CA ARG A 133 13.54 2.41 -31.55
C ARG A 133 13.78 1.15 -30.70
N ALA A 134 13.32 0.01 -31.19
CA ALA A 134 13.36 -1.25 -30.43
C ALA A 134 14.79 -1.63 -30.11
N ALA A 135 14.96 -2.36 -29.02
CA ALA A 135 16.25 -2.98 -28.73
C ALA A 135 16.59 -4.10 -29.72
N ARG A 136 17.89 -4.33 -29.91
CA ARG A 136 18.37 -5.49 -30.66
C ARG A 136 17.89 -6.77 -29.95
N GLY A 137 17.40 -7.72 -30.72
CA GLY A 137 17.00 -9.01 -30.15
C GLY A 137 15.51 -9.19 -29.98
N LEU A 138 14.81 -8.12 -29.58
CA LEU A 138 13.36 -8.14 -29.37
C LEU A 138 12.58 -8.59 -30.60
N ASN A 139 11.65 -9.53 -30.39
CA ASN A 139 10.88 -10.08 -31.50
C ASN A 139 9.66 -9.26 -31.90
N HIS A 140 9.15 -8.43 -30.99
CA HIS A 140 7.93 -7.69 -31.29
C HIS A 140 8.19 -6.60 -32.32
N GLU A 141 7.39 -6.59 -33.39
CA GLU A 141 7.35 -5.45 -34.30
C GLU A 141 6.54 -4.36 -33.61
N PHE A 142 7.24 -3.38 -33.05
CA PHE A 142 6.56 -2.27 -32.37
C PHE A 142 5.83 -1.38 -33.36
N LYS A 143 4.67 -0.87 -32.93
CA LYS A 143 3.78 -0.13 -33.82
C LYS A 143 2.88 0.81 -33.04
N GLU A 144 2.34 1.82 -33.73
CA GLU A 144 1.44 2.80 -33.10
C GLU A 144 0.37 2.11 -32.25
N GLY A 145 0.25 2.59 -31.02
CA GLY A 145 -0.85 2.22 -30.16
C GLY A 145 -0.51 1.20 -29.10
N ASP A 146 0.57 0.45 -29.27
CA ASP A 146 0.87 -0.54 -28.25
C ASP A 146 1.75 -0.03 -27.10
N TRP A 147 1.47 -0.52 -25.89
CA TRP A 147 2.22 -0.12 -24.70
C TRP A 147 3.54 -0.86 -24.59
N ALA A 148 4.56 -0.17 -24.09
CA ALA A 148 5.93 -0.71 -24.05
C ALA A 148 6.64 -0.26 -22.78
N VAL A 149 7.64 -1.02 -22.36
CA VAL A 149 8.56 -0.52 -21.37
C VAL A 149 9.87 -0.13 -22.04
N ALA A 150 10.17 1.16 -21.95
CA ALA A 150 11.35 1.74 -22.56
C ALA A 150 12.39 2.14 -21.51
N GLU A 151 13.62 2.33 -21.99
CA GLU A 151 14.73 2.83 -21.18
C GLU A 151 15.28 4.12 -21.78
N MET A 152 15.43 5.15 -20.94
CA MET A 152 16.07 6.39 -21.35
C MET A 152 17.52 6.10 -21.64
N ARG A 153 17.94 6.45 -22.85
CA ARG A 153 19.28 6.12 -23.32
C ARG A 153 20.12 7.37 -23.53
N ARG A 154 19.46 8.52 -23.63
CA ARG A 154 20.08 9.70 -24.22
C ARG A 154 19.50 10.99 -23.63
N HIS A 155 20.37 11.79 -22.99
CA HIS A 155 19.98 13.08 -22.36
C HIS A 155 20.79 14.29 -22.89
N PRO A 156 20.11 15.40 -23.24
CA PRO A 156 20.84 16.60 -23.69
C PRO A 156 21.87 17.09 -22.68
N LEU A 157 21.58 16.93 -21.40
CA LEU A 157 22.48 17.37 -20.34
C LEU A 157 23.69 16.43 -20.16
N LYS A 158 23.67 15.31 -20.89
CA LYS A 158 24.76 14.32 -20.86
C LYS A 158 25.73 14.55 -22.01
N GLY A 159 25.43 15.55 -22.84
CA GLY A 159 26.22 15.88 -24.02
C GLY A 159 25.53 15.41 -25.28
N ASP A 160 24.44 14.67 -25.11
CA ASP A 160 23.73 14.06 -26.24
C ASP A 160 22.99 15.11 -27.05
N ARG A 161 22.61 14.72 -28.26
CA ARG A 161 21.94 15.62 -29.17
C ARG A 161 20.57 15.99 -28.62
N SER A 162 19.85 14.98 -28.14
CA SER A 162 18.47 15.18 -27.72
C SER A 162 18.01 14.00 -26.87
N PHE A 163 16.76 14.05 -26.43
CA PHE A 163 16.17 12.93 -25.68
C PHE A 163 15.92 11.75 -26.61
N TYR A 164 16.25 10.55 -26.12
CA TYR A 164 16.02 9.33 -26.87
C TYR A 164 15.85 8.14 -25.90
N ALA A 165 14.92 7.24 -26.24
CA ALA A 165 14.68 6.00 -25.47
C ALA A 165 14.85 4.75 -26.34
N GLU A 166 15.12 3.60 -25.73
CA GLU A 166 14.89 2.36 -26.47
C GLU A 166 13.79 1.52 -25.84
N LEU A 167 12.92 0.99 -26.70
CA LEU A 167 11.81 0.14 -26.28
C LEU A 167 12.35 -1.23 -25.92
N THR A 168 12.14 -1.61 -24.68
CA THR A 168 12.85 -2.73 -24.07
C THR A 168 11.96 -3.96 -23.88
N GLN A 169 10.69 -3.76 -23.55
CA GLN A 169 9.75 -4.87 -23.52
C GLN A 169 8.43 -4.42 -24.10
N TYR A 170 7.75 -5.35 -24.74
CA TYR A 170 6.41 -5.13 -25.25
C TYR A 170 5.39 -5.52 -24.16
N ILE A 171 4.60 -4.57 -23.69
CA ILE A 171 3.60 -4.89 -22.67
C ILE A 171 2.35 -5.49 -23.28
N THR A 172 1.69 -4.76 -24.16
CA THR A 172 0.46 -5.21 -24.78
C THR A 172 -0.06 -4.17 -25.76
N PHE A 173 -0.98 -4.57 -26.64
CA PHE A 173 -1.63 -3.62 -27.54
C PHE A 173 -2.65 -2.74 -26.80
N GLY A 174 -2.82 -1.52 -27.30
CA GLY A 174 -3.68 -0.53 -26.66
C GLY A 174 -5.09 -0.99 -26.39
N ASP A 175 -5.59 -1.92 -27.19
CA ASP A 175 -7.00 -2.34 -27.13
C ASP A 175 -7.27 -3.52 -26.16
N ASP A 176 -6.21 -4.13 -25.66
CA ASP A 176 -6.28 -5.11 -24.58
C ASP A 176 -7.07 -4.51 -23.43
N HIS A 177 -8.20 -5.13 -23.11
CA HIS A 177 -9.04 -4.68 -22.00
C HIS A 177 -8.34 -4.66 -20.64
N PHE A 178 -7.30 -5.47 -20.49
CA PHE A 178 -6.61 -5.55 -19.21
C PHE A 178 -5.39 -4.64 -19.13
N VAL A 179 -5.31 -3.69 -20.08
CA VAL A 179 -4.28 -2.65 -20.11
C VAL A 179 -3.90 -2.07 -18.74
N PRO A 180 -4.88 -1.62 -17.94
CA PRO A 180 -4.52 -1.05 -16.63
C PRO A 180 -3.66 -1.98 -15.78
N TRP A 181 -3.90 -3.28 -15.91
CA TRP A 181 -3.21 -4.27 -15.09
C TRP A 181 -1.79 -4.51 -15.61
N TRP A 182 -1.66 -4.82 -16.91
CA TRP A 182 -0.34 -5.15 -17.47
C TRP A 182 0.61 -3.97 -17.47
N VAL A 183 0.08 -2.77 -17.72
CA VAL A 183 0.89 -1.58 -17.71
C VAL A 183 1.41 -1.34 -16.31
N THR A 184 0.51 -1.35 -15.32
CA THR A 184 0.89 -1.08 -13.92
C THR A 184 1.92 -2.08 -13.41
N LEU A 185 1.71 -3.35 -13.69
CA LEU A 185 2.63 -4.37 -13.20
C LEU A 185 4.00 -4.21 -13.85
N ALA A 186 4.03 -3.96 -15.15
CA ALA A 186 5.25 -3.66 -15.87
C ALA A 186 5.93 -2.40 -15.26
N ARG A 187 5.14 -1.37 -15.03
CA ARG A 187 5.66 -0.16 -14.44
C ARG A 187 6.40 -0.46 -13.14
N HIS A 188 5.84 -1.32 -12.30
CA HIS A 188 6.45 -1.63 -11.02
C HIS A 188 7.33 -2.84 -11.09
N ASN A 189 7.52 -3.34 -12.30
CA ASN A 189 8.30 -4.55 -12.57
C ASN A 189 7.89 -5.69 -11.65
N LEU A 190 6.59 -5.91 -11.59
CA LEU A 190 5.99 -6.99 -10.79
C LEU A 190 5.53 -8.11 -11.70
N GLU A 191 5.46 -9.31 -11.14
CA GLU A 191 5.18 -10.50 -11.91
C GLU A 191 3.76 -10.47 -12.44
N LYS A 192 3.57 -10.79 -13.72
CA LYS A 192 2.21 -10.81 -14.29
C LYS A 192 1.53 -12.19 -14.19
N GLU A 193 2.21 -13.20 -13.66
CA GLU A 193 1.70 -14.57 -13.80
C GLU A 193 1.94 -15.38 -12.55
N ALA A 194 1.06 -16.34 -12.31
CA ALA A 194 1.22 -17.27 -11.20
C ALA A 194 2.52 -18.05 -11.40
N PRO A 195 3.24 -18.35 -10.31
CA PRO A 195 4.55 -19.02 -10.32
C PRO A 195 4.60 -20.26 -11.21
N ASP A 196 5.69 -20.45 -11.94
CA ASP A 196 5.74 -21.58 -12.84
C ASP A 196 6.12 -22.85 -12.14
N GLY A 197 6.42 -22.77 -10.84
CA GLY A 197 6.87 -23.94 -10.10
C GLY A 197 5.79 -24.98 -9.86
N VAL A 198 6.21 -26.14 -9.42
CA VAL A 198 5.23 -27.19 -9.18
C VAL A 198 5.33 -27.84 -7.79
N ALA A 199 4.20 -27.86 -7.09
CA ALA A 199 4.07 -28.55 -5.82
C ALA A 199 4.59 -29.96 -6.00
N THR A 200 5.31 -30.44 -5.01
CA THR A 200 6.10 -31.64 -5.20
C THR A 200 5.68 -32.84 -4.36
N GLU A 201 5.54 -32.66 -3.05
CA GLU A 201 5.47 -33.79 -2.13
C GLU A 201 5.39 -33.23 -0.74
N MET A 202 4.47 -33.74 0.07
CA MET A 202 4.41 -33.31 1.45
C MET A 202 5.52 -33.95 2.30
N LEU A 203 6.26 -33.12 3.02
CA LEU A 203 7.44 -33.56 3.73
C LEU A 203 7.10 -34.03 5.12
N ASP A 204 7.84 -35.02 5.60
CA ASP A 204 7.78 -35.38 7.00
C ASP A 204 8.90 -34.65 7.73
N GLU A 205 8.51 -33.62 8.47
CA GLU A 205 9.46 -32.79 9.16
C GLU A 205 9.70 -33.29 10.57
N GLY A 206 9.25 -34.51 10.86
CA GLY A 206 9.36 -35.05 12.21
C GLY A 206 8.29 -34.56 13.16
N LEU A 207 7.38 -33.74 12.64
CA LEU A 207 6.24 -33.29 13.43
C LEU A 207 5.28 -34.43 13.67
N VAL A 208 4.59 -34.34 14.80
CA VAL A 208 3.49 -35.23 15.11
C VAL A 208 2.20 -34.44 14.94
N ARG A 209 1.38 -34.80 13.97
CA ARG A 209 0.19 -34.03 13.68
C ARG A 209 -1.00 -34.54 14.47
N GLU A 210 -1.36 -33.83 15.52
CA GLU A 210 -2.63 -34.08 16.19
C GLU A 210 -3.77 -34.15 15.17
N ASP A 211 -4.57 -35.21 15.25
CA ASP A 211 -5.71 -35.38 14.34
C ASP A 211 -6.93 -34.69 14.90
N LEU A 212 -7.16 -33.47 14.42
CA LEU A 212 -8.27 -32.62 14.85
C LEU A 212 -9.42 -32.69 13.84
N THR A 213 -9.26 -33.60 12.90
CA THR A 213 -10.24 -33.89 11.85
C THR A 213 -11.72 -33.99 12.27
N ALA A 214 -11.99 -34.43 13.49
CA ALA A 214 -13.39 -34.57 13.93
C ALA A 214 -14.00 -33.28 14.43
N LEU A 215 -13.18 -32.26 14.69
CA LEU A 215 -13.69 -31.03 15.28
C LEU A 215 -14.33 -30.09 14.26
N ASP A 216 -15.27 -29.29 14.74
CA ASP A 216 -16.05 -28.38 13.92
C ASP A 216 -15.29 -27.10 13.61
N PHE A 217 -14.13 -27.21 12.99
CA PHE A 217 -13.43 -26.05 12.49
C PHE A 217 -14.22 -25.40 11.36
N VAL A 218 -14.23 -24.07 11.34
CA VAL A 218 -14.87 -23.32 10.26
C VAL A 218 -13.90 -22.29 9.66
N THR A 219 -14.19 -21.80 8.47
CA THR A 219 -13.43 -20.67 7.92
C THR A 219 -14.39 -19.54 7.57
N ILE A 220 -13.97 -18.29 7.79
CA ILE A 220 -14.83 -17.15 7.46
C ILE A 220 -14.11 -16.20 6.51
N ASP A 221 -14.67 -16.02 5.31
CA ASP A 221 -14.03 -15.27 4.23
C ASP A 221 -14.98 -14.57 3.26
N SER A 222 -14.41 -13.73 2.39
CA SER A 222 -15.09 -13.20 1.21
C SER A 222 -15.56 -14.38 0.40
N ALA A 223 -16.74 -14.24 -0.21
CA ALA A 223 -17.28 -15.31 -1.06
C ALA A 223 -16.31 -15.74 -2.17
N SER A 224 -15.49 -14.80 -2.62
CA SER A 224 -14.61 -15.04 -3.74
C SER A 224 -13.26 -15.58 -3.33
N THR A 225 -13.02 -15.72 -2.03
CA THR A 225 -11.71 -16.16 -1.55
C THR A 225 -11.51 -17.63 -1.90
N GLU A 226 -10.35 -17.95 -2.43
CA GLU A 226 -10.07 -19.31 -2.90
C GLU A 226 -8.87 -19.89 -2.13
N ASP A 227 -8.13 -19.03 -1.47
CA ASP A 227 -6.95 -19.42 -0.72
C ASP A 227 -7.16 -19.11 0.77
N MET A 228 -7.91 -19.96 1.47
CA MET A 228 -8.20 -19.75 2.88
C MET A 228 -6.98 -20.07 3.74
N ASN A 229 -6.44 -19.07 4.43
CA ASN A 229 -5.27 -19.28 5.27
C ASN A 229 -5.62 -19.76 6.68
N ASP A 230 -6.76 -19.33 7.20
CA ASP A 230 -7.05 -19.51 8.61
C ASP A 230 -8.35 -20.21 8.85
N ALA A 231 -8.35 -21.05 9.88
CA ALA A 231 -9.54 -21.74 10.33
C ALA A 231 -9.64 -21.67 11.87
N LEU A 232 -10.87 -21.67 12.36
CA LEU A 232 -11.14 -21.40 13.74
C LEU A 232 -12.03 -22.45 14.35
N PHE A 233 -11.77 -22.74 15.61
CA PHE A 233 -12.59 -23.63 16.39
C PHE A 233 -12.61 -23.13 17.83
N ALA A 234 -13.79 -23.12 18.44
CA ALA A 234 -13.95 -22.58 19.78
C ALA A 234 -14.67 -23.58 20.71
N LYS A 235 -14.28 -23.55 21.98
CA LYS A 235 -14.87 -24.45 22.97
C LYS A 235 -15.07 -23.73 24.31
N ALA A 236 -16.22 -23.94 24.93
CA ALA A 236 -16.45 -23.40 26.28
C ALA A 236 -15.70 -24.24 27.28
N LEU A 237 -15.06 -23.59 28.24
CA LEU A 237 -14.41 -24.31 29.34
C LEU A 237 -15.07 -23.87 30.63
N PRO A 238 -14.86 -24.62 31.72
CA PRO A 238 -15.32 -24.15 33.03
C PRO A 238 -14.76 -22.76 33.35
N ASP A 239 -15.46 -22.04 34.23
CA ASP A 239 -15.01 -20.77 34.82
C ASP A 239 -15.15 -19.61 33.87
N ASP A 240 -16.13 -19.69 32.99
CA ASP A 240 -16.36 -18.64 32.00
C ASP A 240 -15.09 -18.38 31.15
N LYS A 241 -14.25 -19.41 31.04
CA LYS A 241 -13.05 -19.35 30.22
C LYS A 241 -13.38 -19.94 28.88
N LEU A 242 -12.82 -19.35 27.81
CA LEU A 242 -13.06 -19.83 26.46
C LEU A 242 -11.76 -20.26 25.83
N GLN A 243 -11.84 -21.32 25.03
CA GLN A 243 -10.69 -21.84 24.34
C GLN A 243 -10.85 -21.62 22.84
N LEU A 244 -9.77 -21.13 22.21
CA LEU A 244 -9.75 -20.89 20.79
C LEU A 244 -8.55 -21.58 20.18
N ILE A 245 -8.80 -22.35 19.13
CA ILE A 245 -7.73 -22.90 18.33
C ILE A 245 -7.71 -22.17 17.01
N VAL A 246 -6.55 -21.64 16.65
CA VAL A 246 -6.39 -20.98 15.36
C VAL A 246 -5.57 -21.92 14.50
N ALA A 247 -6.20 -22.44 13.44
CA ALA A 247 -5.53 -23.36 12.56
C ALA A 247 -5.19 -22.64 11.26
N ILE A 248 -3.89 -22.63 10.94
CA ILE A 248 -3.38 -21.92 9.78
C ILE A 248 -2.86 -22.93 8.73
N ALA A 249 -3.12 -22.64 7.46
CA ALA A 249 -2.63 -23.45 6.35
C ALA A 249 -1.12 -23.62 6.52
N ASP A 250 -0.53 -24.76 6.09
CA ASP A 250 0.93 -24.77 6.01
C ASP A 250 1.61 -25.25 4.76
N PRO A 251 1.89 -24.30 3.88
CA PRO A 251 2.68 -24.54 2.70
C PRO A 251 4.12 -24.97 3.04
N THR A 252 4.64 -24.58 4.21
CA THR A 252 6.01 -25.05 4.58
C THR A 252 6.14 -26.56 4.72
N ALA A 253 5.01 -27.27 4.76
CA ALA A 253 5.02 -28.71 4.83
C ALA A 253 5.33 -29.27 3.45
N TRP A 254 5.15 -28.42 2.44
CA TRP A 254 5.41 -28.79 1.06
C TRP A 254 6.68 -28.12 0.53
N ILE A 255 7.12 -27.04 1.16
CA ILE A 255 8.23 -26.26 0.64
C ILE A 255 9.34 -26.16 1.66
N ALA A 256 10.41 -26.92 1.47
CA ALA A 256 11.56 -26.86 2.37
C ALA A 256 12.40 -25.60 2.15
N GLU A 257 12.86 -25.01 3.25
CA GLU A 257 13.78 -23.88 3.22
C GLU A 257 14.92 -24.19 2.30
N GLY A 258 15.19 -23.27 1.38
CA GLY A 258 16.23 -23.47 0.39
C GLY A 258 15.83 -24.28 -0.82
N SER A 259 14.57 -24.68 -0.92
CA SER A 259 14.12 -25.37 -2.15
C SER A 259 13.99 -24.40 -3.33
N LYS A 260 13.72 -24.92 -4.52
CA LYS A 260 13.40 -24.07 -5.66
C LYS A 260 12.21 -23.20 -5.32
N LEU A 261 11.15 -23.84 -4.83
CA LEU A 261 9.91 -23.12 -4.49
C LEU A 261 10.15 -22.04 -3.44
N ASP A 262 10.98 -22.38 -2.46
CA ASP A 262 11.30 -21.44 -1.41
C ASP A 262 11.96 -20.19 -1.94
N LYS A 263 12.97 -20.37 -2.78
CA LYS A 263 13.71 -19.26 -3.38
C LYS A 263 12.78 -18.39 -4.20
N ALA A 264 11.93 -19.03 -4.98
CA ALA A 264 10.97 -18.29 -5.78
C ALA A 264 10.00 -17.53 -4.89
N ALA A 265 9.54 -18.16 -3.82
CA ALA A 265 8.56 -17.54 -2.95
C ALA A 265 9.19 -16.33 -2.26
N LYS A 266 10.40 -16.48 -1.76
CA LYS A 266 11.13 -15.35 -1.20
C LYS A 266 11.08 -14.09 -2.10
N ILE A 267 11.28 -14.25 -3.40
CA ILE A 267 11.35 -13.10 -4.31
C ILE A 267 10.03 -12.32 -4.43
N ARG A 268 8.92 -12.98 -4.74
CA ARG A 268 7.61 -12.31 -4.70
C ARG A 268 7.33 -12.42 -3.24
N ALA A 269 7.15 -11.37 -2.49
CA ALA A 269 7.26 -11.67 -1.05
C ALA A 269 5.89 -11.82 -0.41
N PHE A 270 4.89 -11.63 -1.27
CA PHE A 270 3.50 -11.48 -0.91
C PHE A 270 2.70 -11.90 -2.12
N THR A 271 1.44 -12.27 -1.93
CA THR A 271 0.58 -12.42 -3.07
C THR A 271 0.18 -11.01 -3.40
N ASN A 272 0.16 -10.70 -4.69
CA ASN A 272 -0.28 -9.42 -5.15
C ASN A 272 -1.77 -9.46 -5.53
N TYR A 273 -2.62 -8.75 -4.77
CA TYR A 273 -4.05 -8.70 -5.01
C TYR A 273 -4.42 -7.42 -5.75
N LEU A 274 -5.04 -7.58 -6.92
CA LEU A 274 -5.51 -6.46 -7.72
C LEU A 274 -6.98 -6.68 -8.02
N PRO A 275 -7.74 -5.59 -8.28
CA PRO A 275 -9.15 -5.74 -8.63
C PRO A 275 -9.35 -6.86 -9.65
N GLY A 276 -10.21 -7.81 -9.32
CA GLY A 276 -10.57 -8.87 -10.24
C GLY A 276 -9.64 -10.09 -10.35
N PHE A 277 -8.43 -10.02 -9.81
CA PHE A 277 -7.58 -11.22 -9.73
C PHE A 277 -6.29 -10.96 -8.97
N ASN A 278 -5.54 -12.04 -8.77
CA ASN A 278 -4.31 -11.95 -8.02
C ASN A 278 -3.16 -12.69 -8.63
N ILE A 279 -1.95 -12.23 -8.33
CA ILE A 279 -0.78 -12.96 -8.75
C ILE A 279 -0.25 -13.64 -7.52
N PRO A 280 -0.52 -14.96 -7.38
CA PRO A 280 -0.18 -15.71 -6.16
C PRO A 280 1.32 -15.84 -5.91
N MET A 281 1.69 -15.79 -4.63
CA MET A 281 3.07 -15.98 -4.20
C MET A 281 3.61 -17.36 -4.46
N LEU A 282 2.77 -18.37 -4.20
CA LEU A 282 3.16 -19.77 -4.35
C LEU A 282 2.43 -20.30 -5.55
N PRO A 283 2.87 -21.47 -6.06
CA PRO A 283 2.14 -22.11 -7.15
C PRO A 283 0.66 -22.24 -6.82
N ARG A 284 -0.17 -21.96 -7.81
CA ARG A 284 -1.60 -21.83 -7.60
C ARG A 284 -2.29 -23.13 -7.10
N GLU A 285 -1.79 -24.30 -7.50
CA GLU A 285 -2.34 -25.57 -7.02
C GLU A 285 -2.07 -25.81 -5.53
N LEU A 286 -0.96 -25.31 -4.99
CA LEU A 286 -0.92 -25.37 -3.53
C LEU A 286 -1.68 -24.22 -2.90
N SER A 287 -1.63 -23.05 -3.51
CA SER A 287 -2.24 -21.93 -2.82
C SER A 287 -3.76 -21.98 -2.84
N ASP A 288 -4.34 -22.43 -3.93
CA ASP A 288 -5.79 -22.35 -4.10
C ASP A 288 -6.42 -23.71 -3.94
N ASP A 289 -5.63 -24.68 -3.51
CA ASP A 289 -6.10 -26.04 -3.48
C ASP A 289 -5.54 -26.87 -2.33
N LEU A 290 -4.26 -27.24 -2.43
CA LEU A 290 -3.65 -28.21 -1.52
C LEU A 290 -3.38 -27.67 -0.12
N CYS A 291 -3.12 -26.36 -0.02
CA CYS A 291 -2.92 -25.68 1.27
C CYS A 291 -4.16 -25.00 1.76
N SER A 292 -4.96 -24.50 0.81
CA SER A 292 -6.17 -23.79 1.17
C SER A 292 -7.00 -24.67 2.12
N LEU A 293 -7.50 -24.09 3.20
CA LEU A 293 -8.29 -24.88 4.13
C LEU A 293 -9.74 -25.00 3.64
N ARG A 294 -9.90 -25.70 2.52
CA ARG A 294 -11.21 -25.95 1.88
C ARG A 294 -12.19 -26.69 2.79
N ALA A 295 -13.47 -26.37 2.65
CA ALA A 295 -14.53 -27.15 3.31
C ALA A 295 -14.39 -28.64 3.03
N ASN A 296 -14.66 -29.47 4.03
CA ASN A 296 -14.75 -30.93 3.85
C ASN A 296 -13.59 -31.50 3.05
N GLU A 297 -12.38 -31.09 3.41
CA GLU A 297 -11.17 -31.61 2.82
C GLU A 297 -10.17 -31.69 3.97
N VAL A 298 -9.36 -32.74 3.98
CA VAL A 298 -8.47 -32.96 5.09
C VAL A 298 -7.20 -32.18 4.82
N ARG A 299 -6.82 -31.30 5.75
CA ARG A 299 -5.66 -30.43 5.51
C ARG A 299 -4.70 -30.33 6.67
N PRO A 300 -3.39 -30.29 6.38
CA PRO A 300 -2.40 -30.09 7.43
C PRO A 300 -2.45 -28.64 7.84
N VAL A 301 -2.26 -28.39 9.13
CA VAL A 301 -2.26 -27.02 9.62
C VAL A 301 -1.19 -26.93 10.67
N LEU A 302 -0.81 -25.70 10.97
CA LEU A 302 -0.02 -25.39 12.12
C LEU A 302 -0.96 -24.62 13.07
N ALA A 303 -1.19 -25.18 14.24
CA ALA A 303 -2.28 -24.69 15.09
C ALA A 303 -1.79 -24.02 16.35
N CYS A 304 -2.62 -23.12 16.87
CA CYS A 304 -2.34 -22.48 18.12
C CYS A 304 -3.56 -22.59 19.01
N ARG A 305 -3.34 -23.19 20.18
CA ARG A 305 -4.41 -23.36 21.15
C ARG A 305 -4.20 -22.37 22.27
N MET A 306 -5.19 -21.54 22.53
CA MET A 306 -5.07 -20.56 23.60
C MET A 306 -6.31 -20.54 24.48
N THR A 307 -6.11 -20.09 25.71
CA THR A 307 -7.22 -19.95 26.63
C THR A 307 -7.41 -18.48 26.98
N LEU A 308 -8.65 -18.03 26.87
CA LEU A 308 -9.01 -16.64 27.11
C LEU A 308 -9.80 -16.53 28.39
N SER A 309 -9.37 -15.61 29.25
CA SER A 309 -10.06 -15.32 30.51
C SER A 309 -11.43 -14.66 30.24
N ALA A 310 -12.19 -14.38 31.31
CA ALA A 310 -13.47 -13.68 31.19
C ALA A 310 -13.28 -12.26 30.65
N ASP A 311 -12.13 -11.66 30.96
CA ASP A 311 -11.79 -10.31 30.51
C ASP A 311 -11.05 -10.30 29.18
N GLY A 312 -10.81 -11.50 28.64
CA GLY A 312 -10.24 -11.67 27.32
C GLY A 312 -8.72 -11.82 27.29
N THR A 313 -8.04 -11.79 28.43
CA THR A 313 -6.58 -11.94 28.36
C THR A 313 -6.21 -13.35 27.89
N ILE A 314 -5.16 -13.43 27.07
CA ILE A 314 -4.63 -14.70 26.61
C ILE A 314 -3.77 -15.29 27.72
N GLU A 315 -4.30 -16.32 28.38
CA GLU A 315 -3.65 -16.97 29.51
C GLU A 315 -2.29 -17.60 29.11
N ASP A 316 -1.48 -17.98 30.09
CA ASP A 316 -0.09 -18.42 29.87
C ASP A 316 0.16 -19.72 29.10
N ASN A 317 -0.76 -20.68 29.21
CA ASN A 317 -0.62 -22.02 28.62
C ASN A 317 -0.85 -22.13 27.09
N ILE A 318 -0.23 -21.23 26.31
CA ILE A 318 -0.34 -21.25 24.84
C ILE A 318 0.32 -22.51 24.28
N GLU A 319 -0.38 -23.27 23.44
CA GLU A 319 0.31 -24.38 22.76
C GLU A 319 0.29 -24.28 21.24
N PHE A 320 1.48 -24.26 20.65
CA PHE A 320 1.68 -24.39 19.22
C PHE A 320 1.95 -25.85 18.85
N PHE A 321 1.17 -26.38 17.94
CA PHE A 321 1.34 -27.77 17.55
C PHE A 321 0.93 -27.99 16.10
N ALA A 322 1.56 -28.96 15.43
CA ALA A 322 1.18 -29.33 14.07
C ALA A 322 -0.05 -30.17 14.19
N ALA A 323 -0.96 -30.04 13.24
CA ALA A 323 -2.18 -30.82 13.30
C ALA A 323 -2.75 -31.00 11.91
N THR A 324 -3.87 -31.73 11.86
CA THR A 324 -4.63 -31.97 10.65
C THR A 324 -6.09 -31.70 10.95
N ILE A 325 -6.73 -30.88 10.13
CA ILE A 325 -8.12 -30.55 10.35
C ILE A 325 -8.93 -30.85 9.13
N GLU A 326 -10.25 -30.79 9.29
CA GLU A 326 -11.16 -30.82 8.18
C GLU A 326 -12.21 -29.77 8.45
N SER A 327 -12.16 -28.66 7.70
CA SER A 327 -13.15 -27.60 7.87
C SER A 327 -14.56 -28.07 7.57
N LYS A 328 -15.51 -27.72 8.43
CA LYS A 328 -16.90 -28.16 8.24
C LYS A 328 -17.80 -27.08 7.61
N ALA A 329 -17.21 -25.94 7.21
CA ALA A 329 -17.91 -24.81 6.60
C ALA A 329 -16.96 -23.76 6.02
N LYS A 330 -17.12 -23.48 4.73
CA LYS A 330 -16.59 -22.27 4.16
C LYS A 330 -17.66 -21.16 4.32
N LEU A 331 -17.63 -20.49 5.46
CA LEU A 331 -18.56 -19.40 5.74
C LEU A 331 -18.16 -18.11 5.00
N VAL A 332 -19.14 -17.28 4.61
CA VAL A 332 -18.80 -15.98 4.05
C VAL A 332 -19.15 -14.88 5.03
N TYR A 333 -18.29 -13.86 5.10
CA TYR A 333 -18.40 -12.78 6.10
C TYR A 333 -19.80 -12.21 6.25
N ASP A 334 -20.27 -11.56 5.18
CA ASP A 334 -21.58 -10.92 5.15
C ASP A 334 -22.74 -11.79 5.62
N GLN A 335 -22.75 -13.06 5.22
CA GLN A 335 -23.78 -13.99 5.68
C GLN A 335 -23.70 -14.20 7.18
N VAL A 336 -22.51 -14.51 7.68
CA VAL A 336 -22.31 -14.60 9.12
C VAL A 336 -22.76 -13.31 9.83
N SER A 337 -22.41 -12.15 9.26
CA SER A 337 -22.78 -10.89 9.91
C SER A 337 -24.30 -10.75 9.88
N ASP A 338 -24.90 -11.02 8.71
CA ASP A 338 -26.35 -10.99 8.57
C ASP A 338 -26.99 -11.83 9.65
N TRP A 339 -26.49 -13.04 9.82
CA TRP A 339 -27.07 -13.97 10.76
C TRP A 339 -26.92 -13.49 12.21
N LEU A 340 -25.74 -13.05 12.61
CA LEU A 340 -25.57 -12.55 13.98
C LEU A 340 -26.43 -11.32 14.28
N GLU A 341 -26.83 -10.61 13.22
CA GLU A 341 -27.75 -9.47 13.30
C GLU A 341 -29.17 -9.93 13.02
N ASN A 342 -29.30 -11.22 12.68
CA ASN A 342 -30.47 -11.83 12.07
C ASN A 342 -31.22 -11.03 11.00
N THR A 343 -30.66 -11.06 9.80
CA THR A 343 -31.33 -10.65 8.57
C THR A 343 -30.92 -11.68 7.53
N GLY A 344 -31.46 -11.56 6.32
CA GLY A 344 -31.00 -12.36 5.18
C GLY A 344 -31.55 -13.78 5.07
N ASP A 345 -31.24 -14.40 3.94
CA ASP A 345 -31.65 -15.78 3.67
C ASP A 345 -30.78 -16.77 4.44
N TRP A 346 -29.56 -16.39 4.79
CA TRP A 346 -28.59 -17.37 5.22
C TRP A 346 -28.64 -17.75 6.70
N GLN A 347 -28.46 -19.04 6.93
CA GLN A 347 -28.49 -19.65 8.25
C GLN A 347 -27.38 -20.72 8.34
N PRO A 348 -26.71 -20.84 9.51
CA PRO A 348 -25.78 -21.97 9.63
C PRO A 348 -26.60 -23.23 9.41
N GLU A 349 -26.18 -24.07 8.49
CA GLU A 349 -27.00 -25.22 8.18
C GLU A 349 -26.58 -26.44 8.99
N SER A 350 -26.64 -26.29 10.30
CA SER A 350 -26.23 -27.29 11.29
C SER A 350 -26.09 -26.56 12.62
N GLU A 351 -26.64 -27.14 13.67
CA GLU A 351 -26.58 -26.53 14.99
C GLU A 351 -25.13 -26.42 15.45
N ALA A 352 -24.35 -27.46 15.18
CA ALA A 352 -22.95 -27.51 15.59
C ALA A 352 -22.22 -26.27 15.12
N ILE A 353 -22.37 -25.94 13.84
CA ILE A 353 -21.60 -24.83 13.32
C ILE A 353 -22.23 -23.47 13.68
N ALA A 354 -23.52 -23.48 14.02
CA ALA A 354 -24.13 -22.28 14.62
C ALA A 354 -23.56 -22.00 16.01
N GLU A 355 -23.31 -23.05 16.80
CA GLU A 355 -22.69 -22.90 18.11
C GLU A 355 -21.26 -22.41 18.00
N GLN A 356 -20.57 -22.79 16.93
CA GLN A 356 -19.23 -22.26 16.64
C GLN A 356 -19.26 -20.74 16.44
N VAL A 357 -20.10 -20.27 15.53
CA VAL A 357 -20.18 -18.84 15.26
C VAL A 357 -20.44 -18.03 16.52
N ARG A 358 -21.42 -18.42 17.34
CA ARG A 358 -21.72 -17.58 18.48
C ARG A 358 -20.66 -17.64 19.59
N LEU A 359 -19.95 -18.75 19.67
CA LEU A 359 -18.82 -18.85 20.57
C LEU A 359 -17.74 -17.91 20.08
N LEU A 360 -17.51 -17.95 18.76
CA LEU A 360 -16.52 -17.09 18.13
C LEU A 360 -16.86 -15.59 18.33
N ALA A 361 -18.16 -15.25 18.27
CA ALA A 361 -18.63 -13.91 18.58
C ALA A 361 -18.34 -13.55 20.03
N GLN A 362 -18.45 -14.50 20.93
CA GLN A 362 -18.11 -14.20 22.33
C GLN A 362 -16.63 -13.87 22.47
N ILE A 363 -15.79 -14.62 21.75
CA ILE A 363 -14.36 -14.43 21.79
C ILE A 363 -14.02 -13.02 21.28
N CYS A 364 -14.66 -12.64 20.17
CA CYS A 364 -14.53 -11.33 19.59
C CYS A 364 -14.83 -10.25 20.62
N GLN A 365 -16.07 -10.29 21.11
CA GLN A 365 -16.53 -9.51 22.25
C GLN A 365 -15.49 -9.38 23.39
N ARG A 366 -14.99 -10.50 23.92
CA ARG A 366 -13.96 -10.48 24.99
C ARG A 366 -12.68 -9.75 24.57
N ARG A 367 -12.25 -10.02 23.34
CA ARG A 367 -10.96 -9.55 22.86
C ARG A 367 -11.03 -8.06 22.49
N GLY A 368 -12.14 -7.64 21.90
CA GLY A 368 -12.36 -6.22 21.62
C GLY A 368 -12.27 -5.42 22.91
N GLU A 369 -12.88 -5.98 23.95
CA GLU A 369 -12.75 -5.48 25.31
C GLU A 369 -11.28 -5.46 25.78
N TRP A 370 -10.58 -6.58 25.65
CA TRP A 370 -9.20 -6.62 26.13
C TRP A 370 -8.35 -5.55 25.46
N ARG A 371 -8.47 -5.46 24.14
CA ARG A 371 -7.69 -4.51 23.36
C ARG A 371 -8.05 -3.06 23.66
N HIS A 372 -9.32 -2.80 24.00
CA HIS A 372 -9.74 -1.45 24.37
C HIS A 372 -9.14 -1.06 25.72
N ASN A 373 -9.04 -2.03 26.59
CA ASN A 373 -8.64 -1.78 27.95
C ASN A 373 -7.13 -1.80 28.16
N HIS A 374 -6.38 -2.44 27.25
CA HIS A 374 -4.92 -2.56 27.42
C HIS A 374 -4.10 -2.14 26.20
N ALA A 375 -4.75 -1.78 25.11
CA ALA A 375 -4.07 -1.48 23.86
C ALA A 375 -4.82 -0.40 23.07
N LEU A 376 -4.85 -0.53 21.75
CA LEU A 376 -5.58 0.41 20.91
C LEU A 376 -6.48 -0.27 19.92
N VAL A 377 -7.68 0.27 19.76
CA VAL A 377 -8.63 -0.18 18.75
C VAL A 377 -8.74 0.92 17.73
N PHE A 378 -8.23 0.67 16.54
CA PHE A 378 -8.26 1.65 15.47
C PHE A 378 -9.66 1.59 14.86
N LYS A 379 -10.27 2.75 14.69
CA LYS A 379 -11.60 2.87 14.10
C LYS A 379 -11.43 2.63 12.61
N ASP A 380 -12.22 1.75 12.04
CA ASP A 380 -11.91 1.23 10.71
C ASP A 380 -12.87 1.63 9.60
N ARG A 381 -12.31 2.27 8.57
CA ARG A 381 -13.05 2.66 7.36
C ARG A 381 -13.36 1.45 6.48
N PRO A 382 -14.31 1.60 5.53
CA PRO A 382 -14.68 0.47 4.68
C PRO A 382 -13.67 0.12 3.59
N ASP A 383 -13.55 -1.18 3.32
CA ASP A 383 -12.93 -1.67 2.09
C ASP A 383 -13.80 -1.33 0.89
N TYR A 384 -13.23 -1.52 -0.30
CA TYR A 384 -13.93 -1.23 -1.53
C TYR A 384 -13.61 -2.35 -2.49
N ARG A 385 -14.64 -2.94 -3.06
CA ARG A 385 -14.49 -4.07 -3.94
C ARG A 385 -14.93 -3.70 -5.34
N PHE A 386 -14.02 -3.89 -6.30
CA PHE A 386 -14.36 -3.72 -7.69
C PHE A 386 -15.12 -4.94 -8.20
N ILE A 387 -16.33 -4.72 -8.70
CA ILE A 387 -17.07 -5.79 -9.34
C ILE A 387 -16.82 -5.72 -10.83
N LEU A 388 -16.23 -6.77 -11.39
CA LEU A 388 -15.84 -6.75 -12.79
C LEU A 388 -16.67 -7.69 -13.63
N GLY A 389 -16.98 -7.25 -14.85
CA GLY A 389 -17.65 -8.06 -15.84
C GLY A 389 -16.63 -8.90 -16.57
N GLU A 390 -17.11 -9.68 -17.53
CA GLU A 390 -16.28 -10.60 -18.31
C GLU A 390 -15.05 -9.92 -18.96
N LYS A 391 -15.27 -8.80 -19.64
CA LYS A 391 -14.21 -8.19 -20.45
C LYS A 391 -13.39 -7.18 -19.67
N GLY A 392 -13.27 -7.41 -18.37
CA GLY A 392 -12.57 -6.48 -17.51
C GLY A 392 -13.32 -5.19 -17.20
N GLU A 393 -14.57 -5.06 -17.65
CA GLU A 393 -15.32 -3.82 -17.39
C GLU A 393 -15.77 -3.75 -15.93
N VAL A 394 -15.69 -2.56 -15.35
CA VAL A 394 -16.14 -2.42 -13.98
C VAL A 394 -17.65 -2.13 -13.94
N LEU A 395 -18.41 -3.05 -13.35
CA LEU A 395 -19.86 -2.90 -13.27
C LEU A 395 -20.25 -2.00 -12.10
N ASP A 396 -19.57 -2.18 -10.98
CA ASP A 396 -19.79 -1.37 -9.79
C ASP A 396 -18.55 -1.39 -8.91
N ILE A 397 -18.44 -0.41 -8.02
CA ILE A 397 -17.36 -0.33 -7.04
C ILE A 397 -18.01 -0.04 -5.69
N VAL A 398 -18.08 -1.07 -4.85
CA VAL A 398 -18.90 -1.00 -3.64
C VAL A 398 -18.12 -0.87 -2.34
N ALA A 399 -18.66 -0.05 -1.44
CA ALA A 399 -18.19 0.02 -0.07
C ALA A 399 -18.43 -1.35 0.54
N GLU A 400 -17.51 -1.76 1.41
CA GLU A 400 -17.65 -3.04 2.05
C GLU A 400 -17.20 -2.86 3.48
N PRO A 401 -18.16 -2.45 4.34
CA PRO A 401 -17.83 -2.07 5.71
C PRO A 401 -17.48 -3.29 6.52
N ARG A 402 -16.68 -3.07 7.55
CA ARG A 402 -16.29 -4.13 8.46
C ARG A 402 -17.37 -4.26 9.50
N ARG A 403 -18.07 -5.38 9.45
CA ARG A 403 -19.01 -5.73 10.48
C ARG A 403 -18.46 -6.87 11.38
N ILE A 404 -19.35 -7.49 12.13
CA ILE A 404 -18.96 -8.45 13.17
C ILE A 404 -18.17 -9.67 12.66
N ALA A 405 -18.57 -10.20 11.49
CA ALA A 405 -17.84 -11.35 10.97
C ALA A 405 -16.36 -10.99 10.74
N ASN A 406 -16.14 -9.82 10.14
CA ASN A 406 -14.79 -9.34 9.92
C ASN A 406 -14.09 -9.20 11.23
N ARG A 407 -14.77 -8.57 12.16
CA ARG A 407 -14.23 -8.34 13.47
C ARG A 407 -13.89 -9.68 14.14
N ILE A 408 -14.74 -10.69 13.94
CA ILE A 408 -14.52 -12.00 14.55
C ILE A 408 -13.16 -12.58 14.13
N VAL A 409 -12.90 -12.60 12.82
CA VAL A 409 -11.63 -13.10 12.31
C VAL A 409 -10.47 -12.20 12.79
N GLU A 410 -10.64 -10.89 12.65
CA GLU A 410 -9.59 -10.00 13.07
C GLU A 410 -9.14 -10.27 14.50
N GLU A 411 -10.07 -10.43 15.44
CA GLU A 411 -9.71 -10.63 16.83
C GLU A 411 -8.95 -11.94 17.04
N ALA A 412 -9.46 -13.02 16.44
CA ALA A 412 -8.74 -14.30 16.44
C ALA A 412 -7.32 -14.17 15.86
N MET A 413 -7.18 -13.49 14.73
CA MET A 413 -5.88 -13.41 14.07
C MET A 413 -4.88 -12.62 14.92
N ILE A 414 -5.32 -11.46 15.42
CA ILE A 414 -4.45 -10.63 16.25
C ILE A 414 -3.98 -11.42 17.49
N ALA A 415 -4.91 -12.17 18.08
CA ALA A 415 -4.63 -12.98 19.24
C ALA A 415 -3.57 -14.03 18.90
N ALA A 416 -3.76 -14.71 17.76
CA ALA A 416 -2.83 -15.73 17.29
C ALA A 416 -1.45 -15.14 17.08
N ASN A 417 -1.39 -14.02 16.36
CA ASN A 417 -0.13 -13.33 16.17
C ASN A 417 0.50 -12.80 17.46
N ILE A 418 -0.31 -12.53 18.48
CA ILE A 418 0.22 -12.14 19.77
C ILE A 418 0.90 -13.34 20.42
N CYS A 419 0.22 -14.50 20.36
CA CYS A 419 0.78 -15.76 20.85
C CYS A 419 2.13 -16.05 20.21
N ALA A 420 2.21 -15.94 18.88
CA ALA A 420 3.47 -16.20 18.18
C ALA A 420 4.55 -15.24 18.62
N ALA A 421 4.17 -14.00 18.90
CA ALA A 421 5.16 -13.01 19.29
C ALA A 421 5.75 -13.40 20.64
N ARG A 422 4.89 -13.86 21.55
CA ARG A 422 5.35 -14.30 22.89
C ARG A 422 6.27 -15.47 22.73
N VAL A 423 5.75 -16.53 22.12
CA VAL A 423 6.48 -17.78 22.02
C VAL A 423 7.84 -17.58 21.35
N LEU A 424 7.90 -16.93 20.19
CA LEU A 424 9.20 -16.69 19.52
C LEU A 424 10.19 -15.89 20.38
N ARG A 425 9.67 -14.91 21.10
CA ARG A 425 10.48 -14.05 21.97
C ARG A 425 11.00 -14.86 23.15
N ASP A 426 10.09 -15.62 23.77
CA ASP A 426 10.36 -16.39 24.96
C ASP A 426 11.08 -17.69 24.68
N LYS A 427 11.34 -18.01 23.41
CA LYS A 427 11.95 -19.30 23.11
C LYS A 427 13.14 -19.21 22.17
N LEU A 428 13.11 -18.25 21.25
CA LEU A 428 14.20 -18.05 20.31
C LEU A 428 14.85 -16.69 20.51
N GLY A 429 14.03 -15.71 20.86
CA GLY A 429 14.49 -14.33 20.97
C GLY A 429 14.50 -13.57 19.66
N PHE A 430 14.25 -14.24 18.54
CA PHE A 430 14.13 -13.57 17.25
C PHE A 430 12.94 -14.10 16.43
N GLY A 431 12.60 -13.40 15.35
CA GLY A 431 11.55 -13.86 14.42
C GLY A 431 11.25 -12.79 13.39
N ILE A 432 10.25 -12.98 12.54
CA ILE A 432 9.82 -11.86 11.71
C ILE A 432 8.78 -11.07 12.48
N TYR A 433 9.18 -9.90 12.98
CA TYR A 433 8.34 -9.08 13.83
C TYR A 433 7.85 -7.89 13.05
N ASN A 434 6.65 -7.46 13.41
CA ASN A 434 6.04 -6.29 12.80
C ASN A 434 6.10 -5.17 13.82
N VAL A 435 6.96 -4.20 13.55
CA VAL A 435 7.25 -3.15 14.52
C VAL A 435 6.77 -1.81 14.00
N HIS A 436 6.27 -0.97 14.89
CA HIS A 436 5.80 0.33 14.51
C HIS A 436 6.11 1.26 15.67
N MET A 437 6.97 2.24 15.41
CA MET A 437 7.44 3.15 16.45
C MET A 437 6.46 4.29 16.73
N GLY A 438 5.47 4.48 15.86
CA GLY A 438 4.43 5.49 16.07
C GLY A 438 4.83 6.85 15.55
N PHE A 439 5.70 7.53 16.29
CA PHE A 439 6.21 8.86 15.94
C PHE A 439 7.73 8.81 15.90
N ASP A 440 8.32 9.47 14.90
CA ASP A 440 9.77 9.52 14.79
C ASP A 440 10.32 10.46 15.87
N PRO A 441 11.27 9.97 16.71
CA PRO A 441 11.75 10.75 17.87
C PRO A 441 12.28 12.13 17.52
N ALA A 442 12.78 12.25 16.28
CA ALA A 442 13.22 13.53 15.74
C ALA A 442 12.03 14.49 15.48
N ASN A 443 10.82 13.95 15.41
CA ASN A 443 9.63 14.78 15.20
C ASN A 443 8.80 15.10 16.45
N ALA A 444 9.19 14.50 17.57
CA ALA A 444 8.38 14.54 18.79
C ALA A 444 8.16 15.95 19.32
N ASP A 445 9.17 16.81 19.22
CA ASP A 445 9.04 18.19 19.69
C ASP A 445 8.12 19.02 18.78
N ALA A 446 8.22 18.77 17.48
CA ALA A 446 7.42 19.50 16.49
C ALA A 446 5.95 19.12 16.61
N LEU A 447 5.71 17.83 16.81
CA LEU A 447 4.38 17.28 17.08
C LEU A 447 3.77 17.97 18.30
N ALA A 448 4.48 17.90 19.43
CA ALA A 448 4.01 18.48 20.70
C ALA A 448 3.62 19.95 20.55
N ALA A 449 4.49 20.72 19.91
CA ALA A 449 4.26 22.14 19.69
C ALA A 449 3.03 22.41 18.83
N LEU A 450 2.84 21.59 17.79
CA LEU A 450 1.74 21.80 16.86
C LEU A 450 0.39 21.57 17.54
N LEU A 451 0.29 20.49 18.28
CA LEU A 451 -0.93 20.18 19.02
C LEU A 451 -1.20 21.21 20.12
N LYS A 452 -0.17 21.52 20.89
CA LYS A 452 -0.30 22.52 21.93
C LYS A 452 -0.79 23.88 21.42
N THR A 453 -0.41 24.23 20.21
CA THR A 453 -0.78 25.52 19.66
C THR A 453 -2.23 25.51 19.13
N HIS A 454 -2.76 24.30 18.91
CA HIS A 454 -4.17 24.12 18.58
C HIS A 454 -5.02 23.91 19.83
N GLY A 455 -4.35 23.87 20.98
CA GLY A 455 -5.01 23.84 22.28
C GLY A 455 -5.23 22.46 22.84
N LEU A 456 -4.32 21.54 22.51
CA LEU A 456 -4.36 20.19 23.01
C LEU A 456 -2.96 19.85 23.51
N HIS A 457 -2.79 19.81 24.82
CA HIS A 457 -1.47 19.61 25.38
C HIS A 457 -0.95 18.20 25.17
N VAL A 458 0.30 18.08 24.78
CA VAL A 458 0.97 16.78 24.69
C VAL A 458 2.42 16.95 25.11
N ASP A 459 3.02 15.88 25.62
CA ASP A 459 4.41 15.87 26.07
C ASP A 459 5.28 15.04 25.12
N ALA A 460 6.32 15.68 24.58
CA ALA A 460 7.11 15.11 23.52
C ALA A 460 7.80 13.86 23.96
N GLU A 461 8.23 13.82 25.22
CA GLU A 461 8.83 12.60 25.77
C GLU A 461 7.83 11.45 26.01
N GLU A 462 6.65 11.77 26.53
CA GLU A 462 5.61 10.77 26.79
C GLU A 462 5.14 10.14 25.48
N VAL A 463 4.97 11.00 24.49
CA VAL A 463 4.36 10.60 23.25
C VAL A 463 5.24 9.60 22.48
N LEU A 464 6.50 9.47 22.86
CA LEU A 464 7.40 8.45 22.31
C LEU A 464 7.40 7.15 23.11
N THR A 465 6.61 7.10 24.17
CA THR A 465 6.35 5.84 24.87
C THR A 465 5.00 5.30 24.44
N LEU A 466 4.81 4.00 24.62
CA LEU A 466 3.57 3.32 24.29
C LEU A 466 2.37 3.97 24.95
N ASP A 467 2.45 4.19 26.25
CA ASP A 467 1.31 4.70 27.00
C ASP A 467 1.03 6.12 26.54
N GLY A 468 2.10 6.88 26.36
CA GLY A 468 1.96 8.24 25.85
C GLY A 468 1.29 8.24 24.49
N PHE A 469 1.68 7.30 23.64
CA PHE A 469 1.13 7.24 22.30
C PHE A 469 -0.35 6.91 22.34
N CYS A 470 -0.69 5.96 23.20
CA CYS A 470 -2.05 5.48 23.39
C CYS A 470 -2.95 6.55 24.02
N LYS A 471 -2.41 7.21 25.05
CA LYS A 471 -3.11 8.27 25.75
C LYS A 471 -3.56 9.32 24.74
N LEU A 472 -2.65 9.70 23.84
CA LEU A 472 -2.89 10.74 22.85
C LEU A 472 -3.88 10.26 21.83
N ARG A 473 -3.78 8.97 21.53
CA ARG A 473 -4.58 8.37 20.50
C ARG A 473 -6.06 8.43 20.92
N ARG A 474 -6.33 8.04 22.17
CA ARG A 474 -7.68 8.15 22.71
C ARG A 474 -8.23 9.56 22.74
N GLU A 475 -7.37 10.53 23.07
CA GLU A 475 -7.83 11.92 23.16
C GLU A 475 -8.17 12.40 21.74
N LEU A 476 -7.36 11.99 20.78
CA LEU A 476 -7.62 12.32 19.40
C LEU A 476 -8.92 11.69 18.93
N ASP A 477 -9.14 10.42 19.29
CA ASP A 477 -10.37 9.72 18.94
C ASP A 477 -11.59 10.40 19.57
N ALA A 478 -11.39 11.10 20.68
CA ALA A 478 -12.49 11.76 21.36
C ALA A 478 -12.84 13.13 20.75
N GLN A 479 -12.15 13.51 19.67
CA GLN A 479 -12.43 14.80 19.00
C GLN A 479 -13.63 14.70 18.06
N PRO A 480 -14.50 15.72 18.05
CA PRO A 480 -15.59 15.91 17.08
C PRO A 480 -15.21 15.50 15.64
N THR A 481 -14.16 16.11 15.10
CA THR A 481 -13.70 15.81 13.73
C THR A 481 -12.29 15.26 13.77
N GLY A 482 -11.86 14.66 12.68
CA GLY A 482 -10.50 14.12 12.58
C GLY A 482 -9.50 15.17 12.12
N PHE A 483 -9.86 16.44 12.25
CA PHE A 483 -8.99 17.53 11.79
C PHE A 483 -7.59 17.53 12.41
N LEU A 484 -7.51 17.62 13.74
CA LEU A 484 -6.23 17.69 14.41
C LEU A 484 -5.39 16.47 14.07
N ASP A 485 -6.01 15.30 14.10
CA ASP A 485 -5.34 14.06 13.70
C ASP A 485 -4.68 14.25 12.32
N SER A 486 -5.40 14.83 11.36
CA SER A 486 -4.90 15.02 10.00
C SER A 486 -3.71 15.95 9.97
N ARG A 487 -3.67 16.88 10.91
CA ARG A 487 -2.57 17.82 10.98
C ARG A 487 -1.26 17.16 11.38
N ILE A 488 -1.38 16.05 12.10
CA ILE A 488 -0.21 15.34 12.62
C ILE A 488 0.16 14.10 11.82
N ARG A 489 -0.64 13.76 10.80
CA ARG A 489 -0.34 12.61 9.94
C ARG A 489 1.09 12.63 9.40
N ARG A 490 1.48 13.77 8.86
CA ARG A 490 2.85 14.06 8.47
C ARG A 490 3.93 13.63 9.50
N PHE A 491 3.56 13.37 10.75
CA PHE A 491 4.56 12.95 11.77
C PHE A 491 4.59 11.45 12.05
N GLN A 492 3.64 10.71 11.49
CA GLN A 492 3.44 9.28 11.77
C GLN A 492 4.31 8.36 10.92
N SER A 493 4.99 7.42 11.56
CA SER A 493 5.86 6.47 10.87
C SER A 493 5.11 5.24 10.31
N PHE A 494 5.75 4.46 9.44
CA PHE A 494 5.09 3.28 8.89
C PHE A 494 5.50 2.05 9.65
N ALA A 495 4.62 1.06 9.70
CA ALA A 495 5.05 -0.22 10.21
C ALA A 495 6.28 -0.66 9.40
N GLU A 496 7.23 -1.29 10.07
CA GLU A 496 8.42 -1.84 9.45
C GLU A 496 8.56 -3.30 9.84
N ILE A 497 9.40 -4.03 9.12
CA ILE A 497 9.60 -5.44 9.42
C ILE A 497 10.93 -5.55 10.14
N SER A 498 10.93 -6.23 11.28
CA SER A 498 12.15 -6.35 12.03
C SER A 498 12.41 -7.79 12.37
N THR A 499 13.68 -8.09 12.59
CA THR A 499 14.14 -9.44 12.78
C THR A 499 14.10 -9.84 14.27
N GLU A 500 13.80 -8.86 15.13
CA GLU A 500 13.73 -9.05 16.57
C GLU A 500 12.63 -8.17 17.16
N PRO A 501 12.08 -8.57 18.33
CA PRO A 501 10.88 -7.93 18.89
C PRO A 501 11.02 -6.42 19.08
N GLY A 502 9.88 -5.74 19.17
CA GLY A 502 9.84 -4.28 19.17
C GLY A 502 8.41 -3.83 19.29
N PRO A 503 8.18 -2.65 19.88
CA PRO A 503 6.78 -2.27 20.10
C PRO A 503 6.03 -2.10 18.78
N HIS A 504 4.73 -2.37 18.79
CA HIS A 504 3.87 -1.96 17.72
C HIS A 504 2.95 -0.89 18.29
N PHE A 505 3.30 0.35 18.03
CA PHE A 505 2.58 1.48 18.62
C PHE A 505 1.15 1.55 18.17
N GLY A 506 0.92 1.42 16.86
CA GLY A 506 -0.43 1.58 16.31
C GLY A 506 -1.42 0.56 16.85
N LEU A 507 -0.92 -0.61 17.22
CA LEU A 507 -1.76 -1.66 17.79
C LEU A 507 -1.70 -1.58 19.30
N GLY A 508 -0.84 -0.71 19.80
CA GLY A 508 -0.64 -0.55 21.24
C GLY A 508 -0.14 -1.80 21.93
N LEU A 509 0.78 -2.53 21.27
CA LEU A 509 1.33 -3.79 21.77
C LEU A 509 2.85 -3.74 21.96
N GLU A 510 3.32 -4.50 22.95
CA GLU A 510 4.76 -4.70 23.20
C GLU A 510 5.47 -5.26 21.98
N ALA A 511 4.86 -6.27 21.38
CA ALA A 511 5.45 -7.07 20.34
C ALA A 511 4.32 -7.75 19.59
N TYR A 512 4.53 -7.92 18.28
CA TYR A 512 3.55 -8.46 17.36
C TYR A 512 4.30 -9.15 16.24
N ALA A 513 3.92 -10.37 15.92
CA ALA A 513 4.55 -11.12 14.82
C ALA A 513 3.50 -11.92 14.07
N THR A 514 3.39 -11.73 12.76
CA THR A 514 2.33 -12.42 12.05
C THR A 514 2.75 -13.78 11.47
N TRP A 515 1.88 -14.77 11.64
CA TRP A 515 2.16 -16.10 11.15
C TRP A 515 0.89 -16.67 10.53
N THR A 516 -0.18 -15.87 10.47
CA THR A 516 -1.49 -16.38 10.10
C THR A 516 -1.81 -16.39 8.61
N SER A 517 -0.87 -15.93 7.77
CA SER A 517 -1.15 -15.81 6.33
C SER A 517 -0.01 -16.35 5.43
N PRO A 518 0.44 -17.57 5.70
CA PRO A 518 1.62 -18.05 5.01
C PRO A 518 1.43 -18.28 3.52
N ILE A 519 0.21 -18.45 3.06
CA ILE A 519 0.02 -18.74 1.64
C ILE A 519 0.34 -17.49 0.84
N ARG A 520 0.15 -16.34 1.48
CA ARG A 520 0.32 -15.04 0.81
C ARG A 520 1.34 -14.07 1.42
N LYS A 521 2.25 -14.59 2.31
CA LYS A 521 3.47 -13.86 2.80
C LYS A 521 4.69 -14.64 3.14
N TYR A 522 5.80 -14.43 2.46
CA TYR A 522 7.00 -15.26 2.76
C TYR A 522 7.38 -15.08 4.26
N GLY A 523 6.92 -13.95 4.87
CA GLY A 523 7.30 -13.60 6.29
C GLY A 523 6.67 -14.62 7.19
N ASP A 524 5.40 -14.84 6.94
CA ASP A 524 4.64 -15.78 7.72
C ASP A 524 5.17 -17.18 7.54
N MET A 525 5.67 -17.50 6.34
CA MET A 525 6.34 -18.78 6.14
C MET A 525 7.62 -18.83 6.97
N ILE A 526 8.44 -17.79 6.92
CA ILE A 526 9.60 -17.77 7.80
C ILE A 526 9.15 -18.06 9.24
N ASN A 527 8.13 -17.34 9.75
CA ASN A 527 7.65 -17.62 11.11
C ASN A 527 7.10 -19.04 11.30
N HIS A 528 6.61 -19.66 10.25
CA HIS A 528 6.12 -21.00 10.39
C HIS A 528 7.27 -21.95 10.73
N ARG A 529 8.39 -21.78 10.04
CA ARG A 529 9.54 -22.67 10.21
C ARG A 529 10.12 -22.46 11.59
N LEU A 530 10.15 -21.20 12.01
CA LEU A 530 10.65 -20.88 13.33
C LEU A 530 9.79 -21.54 14.40
N LEU A 531 8.47 -21.39 14.27
CA LEU A 531 7.55 -21.96 15.26
C LEU A 531 7.64 -23.48 15.26
N LYS A 532 7.98 -24.04 14.11
CA LYS A 532 8.08 -25.50 13.97
C LYS A 532 9.32 -25.99 14.72
N ALA A 533 10.45 -25.33 14.51
CA ALA A 533 11.64 -25.55 15.30
C ALA A 533 11.30 -25.55 16.81
N VAL A 534 10.62 -24.50 17.28
CA VAL A 534 10.19 -24.38 18.66
C VAL A 534 9.39 -25.63 19.09
N ILE A 535 8.33 -25.95 18.34
CA ILE A 535 7.49 -27.11 18.62
C ILE A 535 8.35 -28.34 18.83
N LYS A 536 9.35 -28.50 17.96
CA LYS A 536 10.23 -29.66 17.96
C LYS A 536 11.37 -29.57 18.95
N GLY A 537 11.49 -28.44 19.63
CA GLY A 537 12.60 -28.20 20.56
C GLY A 537 13.89 -28.25 19.78
N GLU A 538 13.90 -27.57 18.64
CA GLU A 538 15.03 -27.59 17.75
C GLU A 538 15.71 -26.22 17.70
N THR A 539 16.95 -26.24 17.20
CA THR A 539 17.76 -25.04 17.07
C THR A 539 17.43 -24.29 15.78
N ALA A 540 17.30 -22.97 15.86
CA ALA A 540 16.86 -22.21 14.68
C ALA A 540 17.78 -21.08 14.29
N THR A 541 17.86 -20.83 13.00
CA THR A 541 18.75 -19.80 12.48
C THR A 541 18.02 -18.48 12.52
N ARG A 542 18.64 -17.46 13.07
CA ARG A 542 18.10 -16.12 12.99
C ARG A 542 17.98 -15.76 11.52
N PRO A 543 16.85 -15.15 11.12
CA PRO A 543 16.73 -14.63 9.77
C PRO A 543 17.72 -13.49 9.56
N GLN A 544 18.29 -13.40 8.37
CA GLN A 544 19.24 -12.36 8.06
C GLN A 544 18.47 -11.08 7.86
N ASP A 545 18.86 -10.01 8.56
CA ASP A 545 18.14 -8.73 8.44
C ASP A 545 18.38 -8.05 7.10
N GLU A 546 18.16 -8.80 6.03
CA GLU A 546 18.30 -8.38 4.65
C GLU A 546 17.05 -8.85 3.91
N ILE A 547 16.49 -9.96 4.37
CA ILE A 547 15.25 -10.47 3.79
C ILE A 547 14.09 -9.54 4.12
N THR A 548 14.19 -8.82 5.23
CA THR A 548 13.19 -7.82 5.55
C THR A 548 13.24 -6.72 4.48
N VAL A 549 14.41 -6.47 3.95
CA VAL A 549 14.57 -5.42 2.95
C VAL A 549 13.85 -5.81 1.63
N GLN A 550 13.96 -7.08 1.25
CA GLN A 550 13.20 -7.56 0.09
C GLN A 550 11.71 -7.46 0.36
N MET A 551 11.30 -7.89 1.55
CA MET A 551 9.89 -7.91 1.93
C MET A 551 9.28 -6.54 1.92
N ALA A 552 9.91 -5.61 2.62
CA ALA A 552 9.39 -4.26 2.72
C ALA A 552 9.29 -3.64 1.35
N GLU A 553 10.26 -3.94 0.49
CA GLU A 553 10.30 -3.45 -0.89
C GLU A 553 9.10 -3.92 -1.69
N ARG A 554 8.81 -5.20 -1.60
CA ARG A 554 7.65 -5.77 -2.28
C ARG A 554 6.35 -5.25 -1.68
N ARG A 555 6.25 -5.19 -0.36
CA ARG A 555 5.01 -4.72 0.26
C ARG A 555 4.63 -3.34 -0.29
N ARG A 556 5.62 -2.46 -0.36
CA ARG A 556 5.52 -1.14 -0.92
C ARG A 556 5.03 -1.22 -2.37
N LEU A 557 5.72 -1.99 -3.21
CA LEU A 557 5.36 -2.12 -4.62
C LEU A 557 3.94 -2.66 -4.84
N ASN A 558 3.57 -3.65 -4.05
CA ASN A 558 2.24 -4.24 -4.12
C ASN A 558 1.18 -3.22 -3.78
N ARG A 559 1.40 -2.49 -2.69
CA ARG A 559 0.48 -1.49 -2.25
C ARG A 559 0.24 -0.46 -3.37
N MET A 560 1.34 -0.01 -3.98
CA MET A 560 1.29 0.91 -5.09
C MET A 560 0.56 0.35 -6.31
N ALA A 561 0.82 -0.90 -6.66
CA ALA A 561 0.24 -1.50 -7.84
C ALA A 561 -1.28 -1.61 -7.67
N GLU A 562 -1.69 -1.98 -6.46
CA GLU A 562 -3.09 -2.12 -6.15
C GLU A 562 -3.74 -0.75 -6.30
N ARG A 563 -3.23 0.26 -5.60
CA ARG A 563 -3.77 1.61 -5.71
C ARG A 563 -3.81 2.11 -7.17
N ASP A 564 -2.72 1.85 -7.90
CA ASP A 564 -2.61 2.34 -9.27
C ASP A 564 -3.64 1.78 -10.25
N VAL A 565 -3.79 0.45 -10.28
CA VAL A 565 -4.85 -0.16 -11.08
C VAL A 565 -6.22 0.39 -10.63
N GLY A 566 -6.43 0.48 -9.31
CA GLY A 566 -7.65 1.06 -8.77
C GLY A 566 -7.93 2.43 -9.38
N ASP A 567 -6.95 3.32 -9.31
CA ASP A 567 -7.13 4.67 -9.82
C ASP A 567 -7.56 4.65 -11.28
N TRP A 568 -6.92 3.77 -12.05
CA TRP A 568 -7.22 3.63 -13.48
C TRP A 568 -8.66 3.16 -13.71
N LEU A 569 -9.12 2.25 -12.85
CA LEU A 569 -10.46 1.73 -12.99
C LEU A 569 -11.48 2.74 -12.48
N TYR A 570 -11.14 3.46 -11.41
CA TYR A 570 -12.02 4.51 -10.89
C TYR A 570 -12.34 5.52 -12.00
N ALA A 571 -11.31 5.90 -12.75
CA ALA A 571 -11.45 6.78 -13.90
C ALA A 571 -12.47 6.21 -14.89
N ARG A 572 -12.20 5.02 -15.43
CA ARG A 572 -13.09 4.47 -16.46
C ARG A 572 -14.50 4.15 -15.99
N PHE A 573 -14.65 3.85 -14.70
CA PHE A 573 -15.96 3.71 -14.09
C PHE A 573 -16.73 5.03 -14.03
N LEU A 574 -16.01 6.11 -13.74
CA LEU A 574 -16.66 7.40 -13.56
C LEU A 574 -16.73 8.25 -14.83
N LYS A 575 -16.17 7.72 -15.92
CA LYS A 575 -16.08 8.44 -17.19
C LYS A 575 -17.42 8.98 -17.67
N ASP A 576 -18.45 8.16 -17.60
CA ASP A 576 -19.75 8.55 -18.14
C ASP A 576 -20.59 9.36 -17.12
N LYS A 577 -19.98 9.74 -16.01
CA LYS A 577 -20.67 10.59 -15.03
C LYS A 577 -20.23 12.04 -15.18
N ALA A 578 -19.24 12.25 -16.05
CA ALA A 578 -18.67 13.57 -16.28
C ALA A 578 -19.67 14.54 -16.94
N GLY A 579 -19.86 15.70 -16.32
CA GLY A 579 -20.78 16.71 -16.83
C GLY A 579 -22.19 16.53 -16.34
N THR A 580 -22.52 15.31 -15.90
CA THR A 580 -23.82 15.05 -15.27
C THR A 580 -23.85 15.68 -13.88
N ASP A 581 -25.06 15.78 -13.31
CA ASP A 581 -25.26 16.42 -12.02
C ASP A 581 -25.59 15.40 -10.92
N THR A 582 -25.20 14.15 -11.16
CA THR A 582 -25.26 13.12 -10.11
C THR A 582 -24.32 13.56 -9.00
N ARG A 583 -24.77 13.37 -7.77
CA ARG A 583 -24.04 13.86 -6.60
C ARG A 583 -23.31 12.76 -5.88
N PHE A 584 -22.12 13.10 -5.37
CA PHE A 584 -21.35 12.16 -4.57
C PHE A 584 -20.99 12.84 -3.27
N ALA A 585 -21.21 12.13 -2.16
CA ALA A 585 -20.72 12.59 -0.87
C ALA A 585 -19.19 12.35 -0.84
N ALA A 586 -18.45 13.38 -0.44
CA ALA A 586 -16.98 13.33 -0.50
C ALA A 586 -16.31 13.88 0.76
N GLU A 587 -15.28 13.20 1.22
CA GLU A 587 -14.50 13.71 2.32
C GLU A 587 -13.26 14.37 1.75
N ILE A 588 -13.03 15.62 2.12
CA ILE A 588 -11.81 16.30 1.69
C ILE A 588 -10.64 15.75 2.48
N VAL A 589 -9.62 15.33 1.74
CA VAL A 589 -8.62 14.44 2.26
C VAL A 589 -7.24 15.11 2.25
N ASP A 590 -7.10 16.16 1.46
CA ASP A 590 -5.82 16.83 1.24
C ASP A 590 -5.99 18.17 0.49
N ILE A 591 -5.20 19.17 0.89
CA ILE A 591 -5.25 20.51 0.28
C ILE A 591 -3.87 20.98 -0.19
N SER A 592 -3.77 21.29 -1.48
CA SER A 592 -2.58 21.90 -2.05
C SER A 592 -2.93 23.32 -2.52
N ARG A 593 -1.92 24.07 -2.98
CA ARG A 593 -2.18 25.41 -3.48
C ARG A 593 -2.96 25.32 -4.80
N GLY A 594 -2.87 24.16 -5.44
CA GLY A 594 -3.62 23.89 -6.67
C GLY A 594 -5.10 23.60 -6.43
N GLY A 595 -5.46 23.31 -5.18
CA GLY A 595 -6.84 22.98 -4.82
C GLY A 595 -6.96 21.84 -3.83
N MET A 596 -8.00 21.02 -4.00
CA MET A 596 -8.29 19.97 -3.02
C MET A 596 -8.37 18.59 -3.63
N ARG A 597 -8.08 17.58 -2.82
CA ARG A 597 -8.35 16.20 -3.16
C ARG A 597 -9.44 15.66 -2.23
N VAL A 598 -10.41 14.98 -2.83
CA VAL A 598 -11.52 14.39 -2.08
C VAL A 598 -11.65 12.90 -2.36
N ARG A 599 -12.14 12.16 -1.37
CA ARG A 599 -12.47 10.75 -1.52
C ARG A 599 -13.97 10.60 -1.57
N LEU A 600 -14.51 10.03 -2.66
CA LEU A 600 -15.95 9.85 -2.77
C LEU A 600 -16.35 8.72 -1.86
N VAL A 601 -17.10 9.02 -0.79
CA VAL A 601 -17.33 8.03 0.29
C VAL A 601 -17.88 6.69 -0.17
N ASP A 602 -18.88 6.66 -1.05
CA ASP A 602 -19.47 5.35 -1.33
C ASP A 602 -18.97 4.59 -2.56
N ASN A 603 -17.87 5.06 -3.13
CA ASN A 603 -17.08 4.21 -4.01
C ASN A 603 -15.59 4.26 -3.67
N GLY A 604 -15.17 5.33 -3.01
CA GLY A 604 -13.78 5.44 -2.57
C GLY A 604 -12.80 5.97 -3.60
N ALA A 605 -13.31 6.60 -4.66
CA ALA A 605 -12.45 7.23 -5.65
C ALA A 605 -11.83 8.48 -5.08
N ILE A 606 -10.71 8.89 -5.66
CA ILE A 606 -10.07 10.15 -5.33
C ILE A 606 -10.26 11.14 -6.48
N ALA A 607 -10.77 12.31 -6.16
CA ALA A 607 -11.01 13.34 -7.16
C ALA A 607 -10.30 14.64 -6.80
N PHE A 608 -9.82 15.34 -7.80
CA PHE A 608 -9.19 16.63 -7.59
C PHE A 608 -10.18 17.74 -7.91
N ILE A 609 -10.29 18.69 -6.99
CA ILE A 609 -11.08 19.91 -7.24
C ILE A 609 -10.14 21.10 -7.41
N PRO A 610 -10.10 21.67 -8.63
CA PRO A 610 -9.19 22.80 -8.88
C PRO A 610 -9.61 24.04 -8.10
N ALA A 611 -8.62 24.84 -7.70
CA ALA A 611 -8.84 26.05 -6.89
C ALA A 611 -9.94 27.00 -7.43
N PRO A 612 -9.93 27.33 -8.74
CA PRO A 612 -10.94 28.27 -9.25
C PRO A 612 -12.37 27.79 -9.06
N PHE A 613 -12.56 26.47 -9.03
CA PHE A 613 -13.87 25.87 -8.78
C PHE A 613 -14.39 26.28 -7.40
N LEU A 614 -13.50 26.83 -6.58
CA LEU A 614 -13.81 27.18 -5.20
C LEU A 614 -14.21 28.65 -5.04
N HIS A 615 -13.68 29.53 -5.88
CA HIS A 615 -14.00 30.95 -5.74
C HIS A 615 -14.11 31.72 -7.07
N ALA A 616 -13.13 31.51 -7.96
CA ALA A 616 -13.00 32.26 -9.24
C ALA A 616 -12.24 33.59 -9.14
N VAL A 617 -12.27 34.24 -7.97
CA VAL A 617 -11.39 35.39 -7.70
C VAL A 617 -10.16 34.90 -6.90
N ARG A 618 -9.03 34.79 -7.60
CA ARG A 618 -7.78 34.23 -7.06
C ARG A 618 -7.24 35.03 -5.88
N ASP A 619 -7.51 36.33 -5.89
CA ASP A 619 -7.00 37.24 -4.88
C ASP A 619 -7.51 36.89 -3.47
N GLU A 620 -8.79 36.55 -3.37
CA GLU A 620 -9.45 36.30 -2.08
C GLU A 620 -9.39 34.84 -1.62
N LEU A 621 -8.57 34.02 -2.28
CA LEU A 621 -8.63 32.57 -2.11
C LEU A 621 -7.28 31.93 -1.75
N VAL A 622 -7.23 31.34 -0.56
CA VAL A 622 -6.00 30.70 -0.07
C VAL A 622 -6.23 29.22 0.28
N CYS A 623 -5.46 28.36 -0.37
CA CYS A 623 -5.47 26.92 -0.10
C CYS A 623 -4.15 26.54 0.54
N SER A 624 -4.13 26.63 1.87
CA SER A 624 -2.94 26.37 2.65
C SER A 624 -2.75 24.87 2.87
N GLN A 625 -1.55 24.37 2.61
CA GLN A 625 -1.26 22.95 2.83
C GLN A 625 -0.91 22.68 4.29
N GLU A 626 -0.02 23.49 4.85
CA GLU A 626 0.37 23.42 6.27
C GLU A 626 -0.85 23.49 7.20
N ASN A 627 -1.70 24.49 7.00
CA ASN A 627 -2.94 24.64 7.77
C ASN A 627 -4.04 23.64 7.37
N GLY A 628 -3.92 23.07 6.16
CA GLY A 628 -4.93 22.18 5.62
C GLY A 628 -6.28 22.86 5.61
N THR A 629 -6.32 24.08 5.10
CA THR A 629 -7.53 24.88 5.11
C THR A 629 -7.68 25.72 3.86
N VAL A 630 -8.94 25.88 3.42
CA VAL A 630 -9.27 26.78 2.33
C VAL A 630 -10.03 27.97 2.89
N GLN A 631 -9.51 29.15 2.59
CA GLN A 631 -10.02 30.37 3.17
C GLN A 631 -10.41 31.31 2.05
N ILE A 632 -11.69 31.68 2.00
CA ILE A 632 -12.18 32.79 1.16
C ILE A 632 -12.44 34.02 2.04
N LYS A 633 -11.85 35.15 1.65
CA LYS A 633 -11.99 36.45 2.34
C LYS A 633 -11.56 36.47 3.82
N GLY A 634 -10.77 35.48 4.23
CA GLY A 634 -10.26 35.40 5.60
C GLY A 634 -11.01 34.42 6.49
N GLU A 635 -12.17 33.96 6.02
CA GLU A 635 -12.96 32.94 6.71
C GLU A 635 -12.71 31.58 6.07
N THR A 636 -12.50 30.55 6.90
CA THR A 636 -12.32 29.19 6.40
C THR A 636 -13.67 28.65 5.88
N VAL A 637 -13.67 28.17 4.66
CA VAL A 637 -14.88 27.54 4.09
C VAL A 637 -14.72 26.02 4.02
N TYR A 638 -13.48 25.56 3.89
CA TYR A 638 -13.19 24.12 3.87
C TYR A 638 -11.92 23.80 4.65
N LYS A 639 -11.96 22.72 5.43
CA LYS A 639 -10.73 22.16 6.01
C LYS A 639 -10.59 20.66 5.76
N VAL A 640 -9.36 20.17 5.82
CA VAL A 640 -9.05 18.79 5.51
C VAL A 640 -9.77 17.86 6.47
N THR A 641 -11.01 17.49 6.16
CA THR A 641 -11.74 16.52 6.98
C THR A 641 -13.24 16.59 6.79
N ASP A 642 -13.70 17.74 6.28
CA ASP A 642 -15.12 18.00 6.04
C ASP A 642 -15.71 17.06 5.01
N VAL A 643 -16.97 16.73 5.18
CA VAL A 643 -17.71 16.09 4.10
C VAL A 643 -18.44 17.18 3.32
N ILE A 644 -18.18 17.23 2.01
CA ILE A 644 -18.95 18.05 1.10
C ILE A 644 -19.62 17.19 0.03
N ASP A 645 -20.47 17.82 -0.78
CA ASP A 645 -21.08 17.13 -1.92
C ASP A 645 -20.47 17.61 -3.23
N VAL A 646 -20.35 16.70 -4.19
CA VAL A 646 -19.69 17.01 -5.45
C VAL A 646 -20.36 16.38 -6.69
N THR A 647 -20.14 17.01 -7.84
CA THR A 647 -20.49 16.42 -9.13
C THR A 647 -19.19 16.05 -9.83
N ILE A 648 -19.25 15.13 -10.78
CA ILE A 648 -18.09 14.85 -11.63
C ILE A 648 -18.07 15.88 -12.74
N ALA A 649 -17.03 16.71 -12.76
CA ALA A 649 -16.92 17.77 -13.75
C ALA A 649 -16.30 17.23 -15.03
N GLU A 650 -15.22 16.47 -14.88
CA GLU A 650 -14.48 15.94 -16.01
C GLU A 650 -13.67 14.74 -15.52
N VAL A 651 -13.44 13.78 -16.42
CA VAL A 651 -12.43 12.75 -16.19
C VAL A 651 -11.59 12.58 -17.46
N ARG A 652 -10.30 12.86 -17.36
CA ARG A 652 -9.42 12.81 -18.51
C ARG A 652 -8.66 11.50 -18.52
N MET A 653 -8.93 10.70 -19.54
CA MET A 653 -8.38 9.36 -19.65
C MET A 653 -6.90 9.32 -19.90
N GLU A 654 -6.40 10.27 -20.69
CA GLU A 654 -4.96 10.42 -20.94
C GLU A 654 -4.15 10.29 -19.65
N THR A 655 -4.65 10.87 -18.56
CA THR A 655 -3.96 10.85 -17.27
C THR A 655 -4.80 10.26 -16.12
N ARG A 656 -5.93 9.64 -16.47
CA ARG A 656 -6.85 9.00 -15.49
C ARG A 656 -7.12 9.84 -14.26
N SER A 657 -7.55 11.07 -14.47
CA SER A 657 -7.80 11.98 -13.37
C SER A 657 -9.25 12.39 -13.32
N ILE A 658 -9.84 12.31 -12.13
CA ILE A 658 -11.21 12.73 -11.91
C ILE A 658 -11.23 14.17 -11.35
N ILE A 659 -11.88 15.06 -12.08
CA ILE A 659 -12.07 16.42 -11.61
C ILE A 659 -13.50 16.56 -11.11
N ALA A 660 -13.61 16.88 -9.83
CA ALA A 660 -14.89 17.14 -9.20
C ALA A 660 -15.08 18.63 -8.95
N ARG A 661 -16.34 19.04 -8.89
CA ARG A 661 -16.76 20.38 -8.51
C ARG A 661 -17.75 20.26 -7.33
N PRO A 662 -17.67 21.17 -6.32
CA PRO A 662 -18.65 21.19 -5.23
C PRO A 662 -20.09 21.44 -5.69
N VAL A 663 -21.01 21.38 -4.73
CA VAL A 663 -22.41 21.66 -4.99
C VAL A 663 -22.88 22.73 -4.00
MG MG C . -9.11 -16.28 5.79
#